data_9JBH
#
_entry.id   9JBH
#
_cell.length_a   1.00
_cell.length_b   1.00
_cell.length_c   1.00
_cell.angle_alpha   90.00
_cell.angle_beta   90.00
_cell.angle_gamma   90.00
#
_symmetry.space_group_name_H-M   'P 1'
#
loop_
_entity.id
_entity.type
_entity.pdbx_description
1 polymer 'Lysosomal cholesterol signaling protein'
2 non-polymer 1,2-Distearoyl-sn-glycerophosphoethanolamine
3 non-polymer CARDIOLIPIN
#
_entity_poly.entity_id   1
_entity_poly.type   'polypeptide(L)'
_entity_poly.pdbx_seq_one_letter_code
;MNSNLPAENLTIAVNMTKTLPTAVTHGFNSTNDPPSMSITRLFPALLECFGIVLCGYIAGRANVITSTQAKGLGNFVSRF
ALPALLFKNMVVLNFSNVDWSFLYSILIAKASVFFIVCVLTLLVASPDSRFSKAGLFPIFATQSNDFALGYPIVEALYQT
TYPEYLQYIYLVAPISLMMLNPIGFIFCEIQKWKDTQNASQNKIKIVGLGLLRVLQNPIVFMVFIGIAFNFILDRKVPVY
VENFLDGLGNSFSGSALFYLGLTMVGKIKRLKKSAFVVLILLITAKLLVLPLLCREMVELLDKGDSVVNHTSLSNYAFLY
GVFPVAPGVAIFATQFNMEVEIITSGMVISTFVSAPIMYVSAWLLTFPTMSRENLYFQ
;
_entity_poly.pdbx_strand_id   A,B
#
loop_
_chem_comp.id
_chem_comp.type
_chem_comp.name
_chem_comp.formula
3PE non-polymer 1,2-Distearoyl-sn-glycerophosphoethanolamine 'C41 H82 N O8 P'
CDL non-polymer CARDIOLIPIN 'C81 H156 O17 P2 -2'
#
# COMPACT_ATOMS: atom_id res chain seq x y z
N PRO A 35 18.84 -4.06 26.37
CA PRO A 35 18.59 -5.39 25.81
C PRO A 35 18.79 -5.44 24.31
N SER A 36 19.15 -6.62 23.77
CA SER A 36 19.33 -6.76 22.34
C SER A 36 18.02 -6.52 21.59
N MET A 37 16.91 -7.02 22.14
CA MET A 37 15.59 -6.73 21.61
C MET A 37 15.00 -5.56 22.36
N SER A 38 14.53 -4.55 21.63
CA SER A 38 13.96 -3.37 22.25
C SER A 38 12.55 -3.66 22.74
N ILE A 39 12.40 -3.89 24.06
CA ILE A 39 11.09 -4.15 24.64
C ILE A 39 10.23 -2.90 24.58
N THR A 40 10.83 -1.72 24.64
CA THR A 40 10.05 -0.49 24.64
C THR A 40 9.45 -0.21 23.27
N ARG A 41 10.10 -0.69 22.20
CA ARG A 41 9.57 -0.53 20.85
C ARG A 41 8.64 -1.67 20.45
N LEU A 42 8.56 -2.74 21.24
CA LEU A 42 7.71 -3.87 20.89
C LEU A 42 6.23 -3.47 20.93
N PHE A 43 5.83 -2.74 21.98
CA PHE A 43 4.42 -2.34 22.08
C PHE A 43 3.99 -1.40 20.96
N PRO A 44 4.76 -0.37 20.57
CA PRO A 44 4.34 0.43 19.41
C PRO A 44 4.23 -0.37 18.11
N ALA A 45 5.12 -1.34 17.88
CA ALA A 45 5.02 -2.13 16.67
C ALA A 45 3.77 -3.01 16.68
N LEU A 46 3.48 -3.63 17.82
CA LEU A 46 2.24 -4.41 17.94
C LEU A 46 1.03 -3.53 17.78
N LEU A 47 1.08 -2.32 18.34
CA LEU A 47 0.01 -1.35 18.17
C LEU A 47 -0.21 -1.04 16.69
N GLU A 48 0.87 -0.79 15.96
CA GLU A 48 0.77 -0.52 14.53
C GLU A 48 0.13 -1.71 13.80
N CYS A 49 0.67 -2.90 14.01
CA CYS A 49 0.23 -4.07 13.24
C CYS A 49 -1.23 -4.39 13.52
N PHE A 50 -1.59 -4.54 14.79
CA PHE A 50 -2.97 -4.88 15.10
C PHE A 50 -3.91 -3.69 15.03
N GLY A 51 -3.40 -2.46 14.93
CA GLY A 51 -4.27 -1.34 14.66
C GLY A 51 -4.66 -1.28 13.19
N ILE A 52 -3.71 -1.61 12.30
CA ILE A 52 -4.08 -1.75 10.90
C ILE A 52 -5.00 -2.95 10.71
N VAL A 53 -4.76 -4.04 11.45
CA VAL A 53 -5.67 -5.18 11.40
C VAL A 53 -7.06 -4.79 11.92
N LEU A 54 -7.13 -4.00 12.99
CA LEU A 54 -8.41 -3.53 13.50
C LEU A 54 -9.11 -2.61 12.51
N CYS A 55 -8.35 -1.73 11.84
CA CYS A 55 -8.94 -0.88 10.83
C CYS A 55 -9.56 -1.70 9.71
N GLY A 56 -8.83 -2.71 9.23
CA GLY A 56 -9.39 -3.59 8.20
C GLY A 56 -10.60 -4.35 8.69
N TYR A 57 -10.55 -4.84 9.93
CA TYR A 57 -11.68 -5.59 10.49
C TYR A 57 -12.92 -4.72 10.61
N ILE A 58 -12.75 -3.48 11.09
CA ILE A 58 -13.89 -2.57 11.22
C ILE A 58 -14.41 -2.16 9.86
N ALA A 59 -13.52 -1.97 8.89
CA ALA A 59 -13.94 -1.64 7.53
C ALA A 59 -14.79 -2.76 6.94
N GLY A 60 -14.37 -4.01 7.16
CA GLY A 60 -15.17 -5.14 6.70
C GLY A 60 -16.48 -5.28 7.45
N ARG A 61 -16.47 -5.05 8.76
CA ARG A 61 -17.67 -5.20 9.58
C ARG A 61 -18.71 -4.14 9.22
N ALA A 62 -18.27 -2.91 8.96
CA ALA A 62 -19.17 -1.82 8.60
C ALA A 62 -19.49 -1.78 7.12
N ASN A 63 -19.01 -2.75 6.35
CA ASN A 63 -19.19 -2.87 4.90
C ASN A 63 -18.54 -1.72 4.15
N VAL A 64 -17.53 -1.06 4.74
CA VAL A 64 -16.78 -0.03 4.03
C VAL A 64 -16.10 -0.64 2.81
N ILE A 65 -15.45 -1.79 3.01
CA ILE A 65 -14.90 -2.60 1.94
C ILE A 65 -15.56 -3.96 2.01
N THR A 66 -16.25 -4.34 0.94
CA THR A 66 -17.04 -5.57 0.94
C THR A 66 -16.12 -6.76 0.68
N SER A 67 -16.71 -7.96 0.59
CA SER A 67 -15.93 -9.17 0.35
C SER A 67 -15.35 -9.19 -1.06
N THR A 68 -16.16 -8.84 -2.06
CA THR A 68 -15.66 -8.82 -3.43
C THR A 68 -14.57 -7.77 -3.62
N GLN A 69 -14.76 -6.59 -3.03
CA GLN A 69 -13.77 -5.53 -3.17
C GLN A 69 -12.47 -5.87 -2.43
N ALA A 70 -12.53 -6.78 -1.46
CA ALA A 70 -11.32 -7.18 -0.75
C ALA A 70 -10.32 -7.88 -1.67
N LYS A 71 -10.81 -8.52 -2.73
CA LYS A 71 -9.93 -9.26 -3.62
C LYS A 71 -8.95 -8.34 -4.34
N GLY A 72 -9.38 -7.12 -4.69
CA GLY A 72 -8.48 -6.20 -5.36
C GLY A 72 -7.30 -5.81 -4.49
N LEU A 73 -7.54 -5.57 -3.21
CA LEU A 73 -6.44 -5.33 -2.28
C LEU A 73 -5.63 -6.59 -2.06
N GLY A 74 -6.27 -7.76 -2.05
CA GLY A 74 -5.54 -9.00 -1.91
C GLY A 74 -4.65 -9.29 -3.11
N ASN A 75 -5.18 -9.06 -4.32
CA ASN A 75 -4.39 -9.31 -5.52
C ASN A 75 -3.20 -8.35 -5.61
N PHE A 76 -3.42 -7.08 -5.30
CA PHE A 76 -2.33 -6.11 -5.36
C PHE A 76 -1.23 -6.45 -4.35
N VAL A 77 -1.62 -6.86 -3.15
CA VAL A 77 -0.62 -7.05 -2.10
C VAL A 77 0.11 -8.40 -2.24
N SER A 78 -0.52 -9.37 -2.89
CA SER A 78 0.09 -10.69 -3.03
C SER A 78 0.77 -10.88 -4.39
N ARG A 79 0.23 -10.27 -5.43
CA ARG A 79 0.74 -10.46 -6.78
C ARG A 79 1.63 -9.32 -7.27
N PHE A 80 1.53 -8.14 -6.66
CA PHE A 80 2.36 -7.01 -7.07
C PHE A 80 3.24 -6.50 -5.93
N ALA A 81 2.65 -6.29 -4.75
CA ALA A 81 3.39 -5.68 -3.65
C ALA A 81 4.38 -6.66 -3.04
N LEU A 82 3.98 -7.92 -2.87
CA LEU A 82 4.85 -8.92 -2.28
C LEU A 82 5.94 -9.37 -3.24
N PRO A 83 5.64 -9.67 -4.51
CA PRO A 83 6.73 -10.03 -5.44
C PRO A 83 7.78 -8.97 -5.60
N ALA A 84 7.40 -7.68 -5.62
CA ALA A 84 8.39 -6.62 -5.75
C ALA A 84 9.31 -6.57 -4.55
N LEU A 85 8.75 -6.67 -3.33
CA LEU A 85 9.55 -6.68 -2.13
C LEU A 85 10.46 -7.90 -2.09
N LEU A 86 9.94 -9.06 -2.48
CA LEU A 86 10.75 -10.28 -2.50
C LEU A 86 11.90 -10.17 -3.49
N PHE A 87 11.64 -9.63 -4.68
CA PHE A 87 12.68 -9.46 -5.67
C PHE A 87 13.75 -8.48 -5.17
N LYS A 88 13.32 -7.36 -4.61
CA LYS A 88 14.27 -6.35 -4.13
C LYS A 88 15.10 -6.86 -2.97
N ASN A 89 14.53 -7.67 -2.08
CA ASN A 89 15.26 -8.22 -0.95
C ASN A 89 16.06 -9.47 -1.30
N MET A 90 15.76 -10.09 -2.44
CA MET A 90 16.51 -11.24 -2.92
C MET A 90 17.73 -10.86 -3.75
N VAL A 91 17.60 -9.86 -4.62
CA VAL A 91 18.75 -9.44 -5.43
C VAL A 91 19.81 -8.78 -4.56
N VAL A 92 19.40 -8.00 -3.55
CA VAL A 92 20.33 -7.26 -2.71
C VAL A 92 21.02 -8.17 -1.69
N LEU A 93 20.38 -9.26 -1.30
CA LEU A 93 20.88 -10.10 -0.21
C LEU A 93 22.27 -10.64 -0.51
N ASN A 94 23.16 -10.53 0.49
CA ASN A 94 24.51 -11.08 0.41
C ASN A 94 24.48 -12.52 0.90
N PHE A 95 24.32 -13.45 -0.06
CA PHE A 95 24.22 -14.86 0.29
C PHE A 95 25.50 -15.39 0.92
N SER A 96 26.65 -14.77 0.61
CA SER A 96 27.91 -15.22 1.20
C SER A 96 27.93 -14.97 2.70
N ASN A 97 27.47 -13.80 3.12
CA ASN A 97 27.49 -13.42 4.54
C ASN A 97 26.13 -13.70 5.19
N VAL A 98 25.80 -14.98 5.29
CA VAL A 98 24.58 -15.45 5.92
C VAL A 98 24.94 -16.50 6.97
N ASP A 99 24.44 -16.32 8.19
CA ASP A 99 24.64 -17.30 9.26
C ASP A 99 23.66 -18.44 9.01
N TRP A 100 24.14 -19.45 8.28
CA TRP A 100 23.29 -20.58 7.93
C TRP A 100 22.91 -21.42 9.14
N SER A 101 23.60 -21.23 10.27
CA SER A 101 23.29 -21.98 11.48
C SER A 101 21.88 -21.67 11.97
N PHE A 102 21.49 -20.40 11.97
CA PHE A 102 20.12 -20.04 12.31
C PHE A 102 19.12 -20.67 11.34
N LEU A 103 19.42 -20.59 10.05
CA LEU A 103 18.52 -21.17 9.05
C LEU A 103 18.39 -22.67 9.22
N TYR A 104 19.52 -23.37 9.41
CA TYR A 104 19.47 -24.81 9.61
C TYR A 104 18.73 -25.16 10.89
N SER A 105 18.97 -24.43 11.97
CA SER A 105 18.32 -24.71 13.24
C SER A 105 16.81 -24.58 13.11
N ILE A 106 16.34 -23.47 12.53
CA ILE A 106 14.91 -23.26 12.37
C ILE A 106 14.31 -24.26 11.38
N LEU A 107 15.04 -24.59 10.31
CA LEU A 107 14.54 -25.58 9.34
C LEU A 107 14.35 -26.94 9.99
N ILE A 108 15.34 -27.38 10.78
CA ILE A 108 15.22 -28.68 11.44
C ILE A 108 14.15 -28.65 12.51
N ALA A 109 14.00 -27.53 13.22
CA ALA A 109 12.94 -27.42 14.21
C ALA A 109 11.57 -27.52 13.55
N LYS A 110 11.37 -26.80 12.44
CA LYS A 110 10.11 -26.88 11.71
C LYS A 110 9.88 -28.28 11.15
N ALA A 111 10.93 -28.92 10.64
CA ALA A 111 10.80 -30.27 10.11
C ALA A 111 10.44 -31.26 11.21
N SER A 112 11.04 -31.10 12.39
CA SER A 112 10.72 -31.98 13.51
C SER A 112 9.29 -31.79 13.97
N VAL A 113 8.83 -30.54 14.05
CA VAL A 113 7.44 -30.28 14.41
C VAL A 113 6.50 -30.87 13.37
N PHE A 114 6.84 -30.71 12.08
CA PHE A 114 6.07 -31.30 11.00
C PHE A 114 5.98 -32.82 11.17
N PHE A 115 7.11 -33.46 11.44
CA PHE A 115 7.16 -34.91 11.59
C PHE A 115 6.32 -35.38 12.78
N ILE A 116 6.45 -34.69 13.92
CA ILE A 116 5.72 -35.08 15.12
C ILE A 116 4.21 -34.92 14.91
N VAL A 117 3.80 -33.77 14.38
CA VAL A 117 2.38 -33.55 14.14
C VAL A 117 1.85 -34.55 13.12
N CYS A 118 2.63 -34.84 12.08
CA CYS A 118 2.20 -35.76 11.05
C CYS A 118 1.99 -37.17 11.61
N VAL A 119 2.95 -37.66 12.38
CA VAL A 119 2.84 -39.02 12.90
C VAL A 119 1.70 -39.11 13.93
N LEU A 120 1.58 -38.09 14.80
CA LEU A 120 0.50 -38.13 15.78
C LEU A 120 -0.86 -38.09 15.09
N THR A 121 -1.03 -37.22 14.10
CA THR A 121 -2.30 -37.14 13.40
C THR A 121 -2.59 -38.44 12.65
N LEU A 122 -1.59 -39.00 11.97
CA LEU A 122 -1.80 -40.25 11.25
C LEU A 122 -2.19 -41.39 12.20
N LEU A 123 -1.68 -41.36 13.43
CA LEU A 123 -2.07 -42.39 14.39
C LEU A 123 -3.46 -42.15 14.97
N VAL A 124 -3.84 -40.90 15.20
CA VAL A 124 -5.05 -40.63 15.99
C VAL A 124 -6.23 -40.20 15.13
N ALA A 125 -5.97 -39.66 13.94
CA ALA A 125 -7.08 -39.16 13.12
C ALA A 125 -7.91 -40.30 12.56
N SER A 126 -9.16 -39.98 12.23
CA SER A 126 -10.07 -41.00 11.72
C SER A 126 -9.59 -41.49 10.35
N PRO A 127 -9.71 -42.78 10.06
CA PRO A 127 -9.24 -43.30 8.76
C PRO A 127 -9.86 -42.61 7.56
N ASP A 128 -11.03 -41.98 7.72
CA ASP A 128 -11.68 -41.32 6.59
C ASP A 128 -10.79 -40.21 6.03
N SER A 129 -10.19 -39.40 6.91
CA SER A 129 -9.33 -38.29 6.50
C SER A 129 -8.18 -38.19 7.50
N ARG A 130 -7.06 -38.86 7.19
CA ARG A 130 -5.84 -38.69 7.96
C ARG A 130 -4.77 -37.91 7.21
N PHE A 131 -4.60 -38.17 5.91
CA PHE A 131 -3.56 -37.51 5.14
C PHE A 131 -3.89 -36.03 4.94
N SER A 132 -5.17 -35.70 4.87
CA SER A 132 -5.56 -34.29 4.80
C SER A 132 -5.10 -33.53 6.04
N LYS A 133 -5.45 -34.05 7.22
CA LYS A 133 -4.99 -33.44 8.46
C LYS A 133 -3.49 -33.55 8.60
N ALA A 134 -2.91 -34.71 8.27
CA ALA A 134 -1.47 -34.89 8.39
C ALA A 134 -0.69 -34.05 7.40
N GLY A 135 -1.37 -33.47 6.40
CA GLY A 135 -0.74 -32.57 5.43
C GLY A 135 -0.93 -31.11 5.83
N LEU A 136 -2.15 -30.69 6.19
CA LEU A 136 -2.46 -29.27 6.50
C LEU A 136 -2.11 -28.91 7.95
N PHE A 137 -2.33 -29.78 8.94
CA PHE A 137 -2.08 -29.48 10.37
C PHE A 137 -0.60 -29.25 10.63
N PRO A 138 0.34 -30.06 10.08
CA PRO A 138 1.77 -29.78 10.25
C PRO A 138 2.20 -28.49 9.55
N ILE A 139 1.51 -28.07 8.48
CA ILE A 139 1.79 -26.80 7.75
C ILE A 139 1.25 -25.66 8.62
N PHE A 140 0.04 -25.81 9.15
CA PHE A 140 -0.57 -24.83 10.06
C PHE A 140 0.39 -24.53 11.19
N ALA A 141 1.05 -25.55 11.73
CA ALA A 141 1.87 -25.42 12.94
C ALA A 141 3.33 -25.07 12.65
N THR A 142 3.73 -24.86 11.39
CA THR A 142 5.14 -24.59 11.12
C THR A 142 5.38 -23.27 10.39
N GLN A 143 4.59 -22.97 9.36
CA GLN A 143 4.77 -21.74 8.59
C GLN A 143 3.89 -20.65 9.16
N SER A 144 4.44 -19.44 9.24
CA SER A 144 3.82 -18.35 9.98
C SER A 144 3.74 -17.08 9.14
N ASN A 145 3.09 -16.07 9.70
CA ASN A 145 2.99 -14.75 9.10
C ASN A 145 4.32 -14.04 9.26
N ASP A 146 5.20 -14.19 8.28
CA ASP A 146 6.58 -13.66 8.38
C ASP A 146 6.72 -12.35 7.63
N PHE A 147 5.98 -12.10 6.57
CA PHE A 147 6.13 -10.87 5.79
C PHE A 147 5.19 -9.78 6.27
N ALA A 148 3.89 -10.06 6.31
CA ALA A 148 2.91 -9.04 6.67
C ALA A 148 3.08 -8.59 8.11
N LEU A 149 3.15 -9.54 9.04
CA LEU A 149 3.19 -9.23 10.46
C LEU A 149 4.53 -9.56 11.11
N GLY A 150 5.20 -10.64 10.69
CA GLY A 150 6.47 -10.99 11.29
C GLY A 150 7.55 -9.95 11.04
N TYR A 151 7.58 -9.40 9.82
CA TYR A 151 8.63 -8.44 9.47
C TYR A 151 8.58 -7.16 10.28
N PRO A 152 7.42 -6.50 10.50
CA PRO A 152 7.45 -5.28 11.31
C PRO A 152 7.97 -5.48 12.72
N ILE A 153 7.66 -6.61 13.37
CA ILE A 153 8.14 -6.85 14.72
C ILE A 153 9.66 -6.98 14.73
N VAL A 154 10.21 -7.76 13.80
CA VAL A 154 11.66 -7.92 13.72
C VAL A 154 12.33 -6.59 13.38
N GLU A 155 11.67 -5.80 12.52
CA GLU A 155 12.19 -4.49 12.16
C GLU A 155 12.27 -3.59 13.38
N ALA A 156 11.23 -3.58 14.21
CA ALA A 156 11.22 -2.75 15.41
C ALA A 156 12.25 -3.21 16.43
N LEU A 157 12.25 -4.51 16.75
CA LEU A 157 13.13 -5.01 17.80
C LEU A 157 14.57 -5.14 17.33
N TYR A 158 14.81 -5.38 16.04
CA TYR A 158 16.14 -5.74 15.58
C TYR A 158 16.64 -4.85 14.45
N GLN A 159 16.53 -3.53 14.61
CA GLN A 159 17.06 -2.59 13.62
C GLN A 159 18.32 -1.88 14.07
N THR A 160 18.33 -1.31 15.27
CA THR A 160 19.50 -0.59 15.79
C THR A 160 20.50 -1.51 16.47
N THR A 161 20.17 -2.80 16.61
CA THR A 161 21.08 -3.74 17.24
C THR A 161 21.56 -4.80 16.27
N TYR A 162 20.62 -5.52 15.65
CA TYR A 162 20.92 -6.67 14.80
C TYR A 162 20.13 -6.58 13.51
N PRO A 163 20.55 -5.71 12.58
CA PRO A 163 19.84 -5.60 11.30
C PRO A 163 19.91 -6.85 10.46
N GLU A 164 20.89 -7.73 10.69
CA GLU A 164 20.99 -8.96 9.90
C GLU A 164 19.82 -9.89 10.16
N TYR A 165 19.14 -9.73 11.30
CA TYR A 165 18.01 -10.60 11.64
C TYR A 165 16.83 -10.41 10.69
N LEU A 166 16.80 -9.32 9.92
CA LEU A 166 15.69 -9.08 9.01
C LEU A 166 15.76 -9.94 7.76
N GLN A 167 16.95 -10.34 7.35
CA GLN A 167 17.07 -11.11 6.11
C GLN A 167 16.60 -12.55 6.31
N TYR A 168 16.67 -13.06 7.54
CA TYR A 168 16.24 -14.43 7.80
C TYR A 168 14.75 -14.59 7.58
N ILE A 169 13.98 -13.50 7.67
CA ILE A 169 12.56 -13.57 7.34
C ILE A 169 12.37 -13.97 5.89
N TYR A 170 13.23 -13.46 5.00
CA TYR A 170 13.14 -13.71 3.57
C TYR A 170 13.94 -14.93 3.14
N LEU A 171 14.57 -15.63 4.07
CA LEU A 171 15.28 -16.88 3.79
C LEU A 171 14.60 -18.07 4.44
N VAL A 172 14.11 -17.93 5.68
CA VAL A 172 13.47 -19.04 6.35
C VAL A 172 12.15 -19.39 5.68
N ALA A 173 11.30 -18.39 5.45
CA ALA A 173 9.97 -18.66 4.90
C ALA A 173 10.01 -19.25 3.50
N PRO A 174 10.74 -18.70 2.52
CA PRO A 174 10.74 -19.33 1.18
C PRO A 174 11.25 -20.77 1.20
N ILE A 175 12.31 -21.04 1.97
CA ILE A 175 12.84 -22.40 2.02
C ILE A 175 11.89 -23.32 2.79
N SER A 176 11.23 -22.78 3.82
CA SER A 176 10.23 -23.57 4.53
C SER A 176 9.07 -23.97 3.63
N LEU A 177 8.62 -23.05 2.77
CA LEU A 177 7.61 -23.41 1.77
C LEU A 177 8.17 -24.31 0.69
N MET A 178 9.49 -24.28 0.46
CA MET A 178 10.11 -25.11 -0.57
C MET A 178 10.47 -26.51 -0.07
N MET A 179 10.40 -26.76 1.24
CA MET A 179 10.82 -28.06 1.77
C MET A 179 9.69 -28.77 2.52
N LEU A 180 8.98 -28.08 3.41
CA LEU A 180 7.92 -28.74 4.17
C LEU A 180 6.59 -28.73 3.41
N ASN A 181 6.25 -27.59 2.82
CA ASN A 181 5.01 -27.50 2.05
C ASN A 181 4.88 -28.55 0.96
N PRO A 182 5.94 -28.93 0.22
CA PRO A 182 5.77 -30.06 -0.72
C PRO A 182 5.25 -31.34 -0.06
N ILE A 183 5.71 -31.65 1.15
CA ILE A 183 5.25 -32.87 1.82
C ILE A 183 3.77 -32.77 2.16
N GLY A 184 3.35 -31.62 2.70
CA GLY A 184 1.94 -31.44 3.03
C GLY A 184 1.06 -31.49 1.79
N PHE A 185 1.51 -30.84 0.71
CA PHE A 185 0.75 -30.88 -0.53
C PHE A 185 0.68 -32.29 -1.10
N ILE A 186 1.76 -33.07 -0.94
CA ILE A 186 1.73 -34.47 -1.37
C ILE A 186 0.71 -35.24 -0.55
N PHE A 187 0.65 -34.98 0.76
CA PHE A 187 -0.34 -35.64 1.60
C PHE A 187 -1.76 -35.28 1.17
N CYS A 188 -2.00 -34.01 0.85
CA CYS A 188 -3.31 -33.60 0.38
C CYS A 188 -3.65 -34.24 -0.97
N GLU A 189 -2.66 -34.38 -1.86
CA GLU A 189 -2.90 -35.07 -3.13
C GLU A 189 -3.20 -36.55 -2.90
N ILE A 190 -2.54 -37.16 -1.90
CA ILE A 190 -2.87 -38.54 -1.55
C ILE A 190 -4.31 -38.64 -1.07
N GLN A 191 -4.75 -37.69 -0.24
CA GLN A 191 -6.14 -37.69 0.19
C GLN A 191 -7.10 -37.53 -0.98
N LYS A 192 -6.77 -36.64 -1.92
CA LYS A 192 -7.59 -36.48 -3.11
C LYS A 192 -7.60 -37.74 -3.96
N TRP A 193 -6.49 -38.51 -3.92
CA TRP A 193 -6.43 -39.76 -4.64
C TRP A 193 -7.33 -40.81 -3.99
N LYS A 194 -7.39 -40.82 -2.65
CA LYS A 194 -8.37 -41.68 -1.97
C LYS A 194 -9.78 -41.23 -2.29
N ASP A 195 -9.99 -39.93 -2.55
CA ASP A 195 -11.30 -39.49 -3.00
C ASP A 195 -11.65 -40.12 -4.34
N THR A 196 -10.72 -40.13 -5.29
CA THR A 196 -10.89 -40.80 -6.58
C THR A 196 -10.19 -42.16 -6.56
N GLN A 197 -10.76 -43.10 -5.81
CA GLN A 197 -10.16 -44.42 -5.67
C GLN A 197 -10.00 -45.11 -7.02
N ASN A 198 -8.77 -45.54 -7.31
CA ASN A 198 -8.47 -46.23 -8.55
C ASN A 198 -7.16 -46.98 -8.38
N ALA A 199 -6.94 -47.96 -9.27
CA ALA A 199 -5.70 -48.72 -9.24
C ALA A 199 -4.51 -47.86 -9.65
N SER A 200 -4.72 -46.79 -10.42
CA SER A 200 -3.63 -45.93 -10.93
C SER A 200 -3.10 -45.01 -9.83
N GLN A 201 -2.05 -45.41 -9.11
CA GLN A 201 -1.53 -44.65 -7.97
C GLN A 201 -1.08 -43.26 -8.39
N ASN A 202 -0.46 -43.18 -9.57
CA ASN A 202 0.03 -41.88 -10.09
C ASN A 202 1.09 -41.33 -9.13
N LYS A 203 2.04 -42.12 -8.65
CA LYS A 203 3.03 -41.67 -7.68
C LYS A 203 3.87 -40.53 -8.23
N ILE A 204 4.23 -40.59 -9.51
CA ILE A 204 4.97 -39.49 -10.12
C ILE A 204 4.10 -38.25 -10.20
N LYS A 205 2.83 -38.42 -10.59
CA LYS A 205 1.93 -37.27 -10.68
C LYS A 205 1.66 -36.67 -9.31
N ILE A 206 1.51 -37.51 -8.29
CA ILE A 206 1.25 -37.01 -6.93
C ILE A 206 2.42 -36.14 -6.46
N VAL A 207 3.64 -36.63 -6.66
CA VAL A 207 4.81 -35.82 -6.34
C VAL A 207 4.90 -34.62 -7.28
N GLY A 208 4.51 -34.80 -8.53
CA GLY A 208 4.57 -33.71 -9.49
C GLY A 208 3.65 -32.56 -9.11
N LEU A 209 2.41 -32.88 -8.71
CA LEU A 209 1.48 -31.84 -8.31
C LEU A 209 1.92 -31.15 -7.03
N GLY A 210 2.49 -31.91 -6.09
CA GLY A 210 2.91 -31.33 -4.83
C GLY A 210 4.00 -30.29 -5.00
N LEU A 211 4.98 -30.58 -5.85
CA LEU A 211 6.06 -29.61 -6.10
C LEU A 211 5.58 -28.48 -7.01
N LEU A 212 4.63 -28.78 -7.92
CA LEU A 212 4.16 -27.75 -8.85
C LEU A 212 3.46 -26.61 -8.12
N ARG A 213 2.62 -26.94 -7.12
CA ARG A 213 1.94 -25.91 -6.36
C ARG A 213 2.92 -25.00 -5.64
N VAL A 214 4.00 -25.59 -5.11
CA VAL A 214 5.04 -24.79 -4.46
C VAL A 214 5.68 -23.84 -5.46
N LEU A 215 5.97 -24.32 -6.66
CA LEU A 215 6.58 -23.47 -7.68
C LEU A 215 5.61 -22.40 -8.16
N GLN A 216 4.32 -22.72 -8.22
CA GLN A 216 3.33 -21.74 -8.67
C GLN A 216 3.16 -20.60 -7.68
N ASN A 217 3.48 -20.83 -6.42
CA ASN A 217 3.34 -19.78 -5.41
C ASN A 217 4.26 -18.61 -5.74
N PRO A 218 3.78 -17.37 -5.66
CA PRO A 218 4.64 -16.22 -6.01
C PRO A 218 5.92 -16.16 -5.22
N ILE A 219 5.88 -16.52 -3.93
CA ILE A 219 7.06 -16.39 -3.07
C ILE A 219 8.22 -17.20 -3.62
N VAL A 220 7.96 -18.46 -3.99
CA VAL A 220 9.04 -19.37 -4.36
C VAL A 220 9.72 -18.94 -5.66
N PHE A 221 8.92 -18.67 -6.70
CA PHE A 221 9.54 -18.37 -7.99
C PHE A 221 10.07 -16.94 -8.04
N MET A 222 9.47 -16.01 -7.28
CA MET A 222 10.12 -14.71 -7.13
C MET A 222 11.43 -14.82 -6.35
N VAL A 223 11.53 -15.73 -5.40
CA VAL A 223 12.81 -15.93 -4.71
C VAL A 223 13.83 -16.52 -5.68
N PHE A 224 13.41 -17.46 -6.51
CA PHE A 224 14.33 -18.03 -7.51
C PHE A 224 14.82 -16.97 -8.48
N ILE A 225 13.91 -16.13 -8.98
CA ILE A 225 14.30 -15.06 -9.91
C ILE A 225 15.18 -14.04 -9.21
N GLY A 226 14.91 -13.78 -7.93
CA GLY A 226 15.76 -12.86 -7.19
C GLY A 226 17.17 -13.37 -6.99
N ILE A 227 17.31 -14.68 -6.73
CA ILE A 227 18.64 -15.28 -6.65
C ILE A 227 19.34 -15.19 -8.00
N ALA A 228 18.61 -15.53 -9.08
CA ALA A 228 19.16 -15.44 -10.42
C ALA A 228 19.70 -14.04 -10.70
N PHE A 229 18.88 -13.02 -10.46
CA PHE A 229 19.31 -11.65 -10.73
C PHE A 229 20.30 -11.12 -9.70
N ASN A 230 20.39 -11.73 -8.52
CA ASN A 230 21.48 -11.44 -7.62
C ASN A 230 22.80 -11.86 -8.22
N PHE A 231 22.83 -13.01 -8.90
CA PHE A 231 24.02 -13.41 -9.62
C PHE A 231 24.26 -12.61 -10.90
N ILE A 232 23.21 -12.34 -11.69
CA ILE A 232 23.39 -11.62 -12.95
C ILE A 232 23.75 -10.16 -12.70
N LEU A 233 22.98 -9.48 -11.85
CA LEU A 233 23.17 -8.05 -11.62
C LEU A 233 24.24 -7.78 -10.56
N ASP A 234 24.82 -8.82 -9.96
CA ASP A 234 25.87 -8.67 -8.96
C ASP A 234 25.41 -7.80 -7.79
N ARG A 235 24.21 -8.09 -7.29
CA ARG A 235 23.64 -7.50 -6.08
C ARG A 235 23.31 -6.02 -6.23
N LYS A 236 23.31 -5.49 -7.46
CA LYS A 236 23.03 -4.09 -7.71
C LYS A 236 21.81 -3.99 -8.62
N VAL A 237 20.66 -3.70 -8.03
CA VAL A 237 19.45 -3.43 -8.81
C VAL A 237 19.62 -2.10 -9.53
N PRO A 238 19.29 -2.01 -10.82
CA PRO A 238 19.48 -0.75 -11.55
C PRO A 238 18.69 0.39 -10.92
N VAL A 239 19.27 1.59 -10.97
CA VAL A 239 18.62 2.76 -10.39
C VAL A 239 17.35 3.10 -11.14
N TYR A 240 17.25 2.71 -12.41
CA TYR A 240 16.03 2.95 -13.18
C TYR A 240 14.83 2.21 -12.62
N VAL A 241 15.04 1.08 -11.96
CA VAL A 241 13.95 0.31 -11.35
C VAL A 241 13.97 0.35 -9.84
N GLU A 242 14.96 1.03 -9.23
CA GLU A 242 15.00 1.12 -7.78
C GLU A 242 13.75 1.80 -7.23
N ASN A 243 13.41 2.96 -7.77
CA ASN A 243 12.26 3.70 -7.29
C ASN A 243 10.97 2.93 -7.52
N PHE A 244 10.84 2.28 -8.68
CA PHE A 244 9.65 1.48 -8.96
C PHE A 244 9.51 0.34 -7.98
N LEU A 245 10.60 -0.38 -7.72
CA LEU A 245 10.55 -1.51 -6.79
C LEU A 245 10.24 -1.05 -5.38
N ASP A 246 10.83 0.07 -4.94
CA ASP A 246 10.52 0.60 -3.62
C ASP A 246 9.06 1.04 -3.52
N GLY A 247 8.56 1.72 -4.54
CA GLY A 247 7.17 2.17 -4.51
C GLY A 247 6.19 1.01 -4.48
N LEU A 248 6.46 -0.04 -5.25
CA LEU A 248 5.58 -1.20 -5.24
C LEU A 248 5.79 -2.09 -4.02
N GLY A 249 6.92 -1.96 -3.33
CA GLY A 249 7.21 -2.83 -2.20
C GLY A 249 7.07 -2.18 -0.84
N ASN A 250 6.99 -0.86 -0.81
CA ASN A 250 6.74 -0.14 0.44
C ASN A 250 5.26 -0.09 0.81
N SER A 251 4.39 -0.53 -0.10
CA SER A 251 2.96 -0.59 0.17
C SER A 251 2.50 -1.95 0.66
N PHE A 252 3.42 -2.92 0.75
CA PHE A 252 3.00 -4.27 1.14
C PHE A 252 2.57 -4.33 2.60
N SER A 253 3.38 -3.77 3.51
CA SER A 253 3.16 -3.96 4.94
C SER A 253 1.77 -3.48 5.36
N GLY A 254 1.47 -2.21 5.11
CA GLY A 254 0.15 -1.69 5.44
C GLY A 254 -0.99 -2.36 4.72
N SER A 255 -0.85 -2.56 3.40
CA SER A 255 -1.89 -3.22 2.64
C SER A 255 -2.08 -4.68 3.07
N ALA A 256 -1.00 -5.40 3.32
CA ALA A 256 -1.13 -6.78 3.79
C ALA A 256 -1.77 -6.87 5.18
N LEU A 257 -1.41 -5.97 6.09
CA LEU A 257 -2.05 -5.96 7.41
C LEU A 257 -3.53 -5.62 7.29
N PHE A 258 -3.86 -4.64 6.45
CA PHE A 258 -5.26 -4.27 6.25
C PHE A 258 -6.05 -5.42 5.62
N TYR A 259 -5.46 -6.12 4.65
CA TYR A 259 -6.14 -7.28 4.05
C TYR A 259 -6.27 -8.42 5.04
N LEU A 260 -5.27 -8.62 5.90
CA LEU A 260 -5.39 -9.61 6.95
C LEU A 260 -6.57 -9.30 7.87
N GLY A 261 -6.65 -8.05 8.33
CA GLY A 261 -7.79 -7.65 9.13
C GLY A 261 -9.11 -7.78 8.41
N LEU A 262 -9.12 -7.51 7.10
CA LEU A 262 -10.33 -7.59 6.30
C LEU A 262 -10.78 -9.02 6.05
N THR A 263 -9.85 -9.99 6.06
CA THR A 263 -10.21 -11.38 5.82
C THR A 263 -10.65 -12.11 7.09
N MET A 264 -10.51 -11.49 8.25
CA MET A 264 -10.92 -12.06 9.53
C MET A 264 -12.38 -11.76 9.87
N VAL A 265 -13.11 -11.10 8.98
CA VAL A 265 -14.49 -10.73 9.23
C VAL A 265 -15.36 -11.97 9.03
N GLY A 266 -16.01 -12.42 10.09
CA GLY A 266 -16.89 -13.57 9.99
C GLY A 266 -16.19 -14.90 9.88
N LYS A 267 -14.95 -15.01 10.36
CA LYS A 267 -14.20 -16.26 10.29
C LYS A 267 -14.29 -17.10 11.55
N ILE A 268 -14.22 -16.48 12.73
CA ILE A 268 -14.27 -17.23 13.97
C ILE A 268 -15.73 -17.61 14.25
N LYS A 269 -16.02 -18.91 14.23
CA LYS A 269 -17.36 -19.41 14.47
C LYS A 269 -17.32 -20.50 15.54
N ARG A 270 -18.42 -20.65 16.26
CA ARG A 270 -18.54 -21.71 17.25
C ARG A 270 -18.52 -23.07 16.56
N LEU A 271 -17.93 -24.06 17.24
CA LEU A 271 -17.75 -25.38 16.67
C LEU A 271 -17.57 -26.39 17.81
N LYS A 272 -17.44 -27.66 17.44
CA LYS A 272 -17.47 -28.74 18.41
C LYS A 272 -16.28 -28.68 19.36
N LYS A 273 -16.46 -29.22 20.56
CA LYS A 273 -15.40 -29.20 21.56
C LYS A 273 -14.24 -30.11 21.19
N SER A 274 -14.47 -31.16 20.41
CA SER A 274 -13.34 -31.91 19.83
C SER A 274 -12.56 -31.01 18.88
N ALA A 275 -13.28 -30.25 18.05
CA ALA A 275 -12.62 -29.26 17.21
C ALA A 275 -11.94 -28.20 18.06
N PHE A 276 -12.55 -27.81 19.18
CA PHE A 276 -11.91 -26.83 20.06
C PHE A 276 -10.60 -27.37 20.64
N VAL A 277 -10.59 -28.64 21.06
CA VAL A 277 -9.38 -29.17 21.68
C VAL A 277 -8.28 -29.40 20.64
N VAL A 278 -8.65 -29.81 19.42
CA VAL A 278 -7.61 -29.94 18.39
C VAL A 278 -7.09 -28.55 18.00
N LEU A 279 -7.95 -27.53 18.00
CA LEU A 279 -7.48 -26.17 17.82
C LEU A 279 -6.50 -25.77 18.92
N ILE A 280 -6.83 -26.10 20.17
CA ILE A 280 -5.94 -25.75 21.28
C ILE A 280 -4.58 -26.44 21.11
N LEU A 281 -4.60 -27.72 20.77
CA LEU A 281 -3.35 -28.46 20.57
C LEU A 281 -2.53 -27.89 19.42
N LEU A 282 -3.20 -27.56 18.31
CA LEU A 282 -2.48 -27.04 17.14
C LEU A 282 -1.88 -25.67 17.44
N ILE A 283 -2.66 -24.78 18.06
CA ILE A 283 -2.17 -23.44 18.37
C ILE A 283 -1.07 -23.52 19.42
N THR A 284 -1.17 -24.44 20.37
CA THR A 284 -0.08 -24.64 21.32
C THR A 284 1.18 -25.12 20.63
N ALA A 285 1.06 -26.11 19.73
CA ALA A 285 2.22 -26.59 18.99
C ALA A 285 2.84 -25.47 18.17
N LYS A 286 2.02 -24.56 17.65
CA LYS A 286 2.54 -23.44 16.86
C LYS A 286 3.24 -22.40 17.74
N LEU A 287 2.64 -22.02 18.87
CA LEU A 287 3.04 -20.82 19.59
C LEU A 287 3.89 -21.08 20.83
N LEU A 288 3.91 -22.30 21.36
CA LEU A 288 4.75 -22.61 22.51
C LEU A 288 5.74 -23.72 22.17
N VAL A 289 5.23 -24.80 21.57
CA VAL A 289 6.09 -25.94 21.23
C VAL A 289 7.09 -25.57 20.16
N LEU A 290 6.61 -24.94 19.08
CA LEU A 290 7.51 -24.54 18.00
C LEU A 290 8.56 -23.54 18.44
N PRO A 291 8.24 -22.46 19.18
CA PRO A 291 9.31 -21.60 19.69
C PRO A 291 10.31 -22.31 20.59
N LEU A 292 9.85 -23.19 21.47
CA LEU A 292 10.76 -23.92 22.36
C LEU A 292 11.68 -24.83 21.57
N LEU A 293 11.13 -25.55 20.59
CA LEU A 293 11.94 -26.42 19.75
C LEU A 293 12.94 -25.60 18.94
N CYS A 294 12.50 -24.48 18.38
CA CYS A 294 13.43 -23.63 17.63
C CYS A 294 14.57 -23.16 18.53
N ARG A 295 14.25 -22.77 19.77
CA ARG A 295 15.28 -22.36 20.71
C ARG A 295 16.25 -23.50 21.02
N GLU A 296 15.74 -24.72 21.23
CA GLU A 296 16.65 -25.79 21.63
C GLU A 296 17.55 -26.23 20.49
N MET A 297 17.03 -26.28 19.25
CA MET A 297 17.91 -26.60 18.13
C MET A 297 18.85 -25.45 17.81
N VAL A 298 18.47 -24.21 18.13
CA VAL A 298 19.42 -23.11 18.04
C VAL A 298 20.54 -23.30 19.06
N GLU A 299 20.19 -23.75 20.27
CA GLU A 299 21.20 -24.04 21.28
C GLU A 299 22.14 -25.14 20.80
N LEU A 300 21.57 -26.18 20.17
CA LEU A 300 22.39 -27.32 19.75
C LEU A 300 23.27 -26.96 18.56
N LEU A 301 22.76 -26.19 17.60
CA LEU A 301 23.45 -25.96 16.34
C LEU A 301 24.33 -24.71 16.36
N ASP A 302 23.79 -23.59 16.80
CA ASP A 302 24.54 -22.34 16.78
C ASP A 302 25.72 -22.40 17.74
N LYS A 303 26.93 -22.31 17.18
CA LYS A 303 28.18 -22.23 17.95
C LYS A 303 28.75 -20.83 17.75
N GLY A 304 28.46 -19.93 18.70
CA GLY A 304 28.93 -18.57 18.62
C GLY A 304 29.99 -18.29 19.67
N ASP A 305 30.95 -17.43 19.31
CA ASP A 305 32.01 -17.08 20.24
C ASP A 305 31.46 -16.33 21.45
N SER A 306 30.52 -15.42 21.21
CA SER A 306 29.92 -14.63 22.28
C SER A 306 28.68 -15.35 22.81
N VAL A 307 28.49 -15.33 24.13
CA VAL A 307 27.25 -15.82 24.71
C VAL A 307 26.09 -14.90 24.36
N VAL A 308 26.35 -13.59 24.30
CA VAL A 308 25.28 -12.61 24.15
C VAL A 308 24.57 -12.77 22.81
N ASN A 309 25.34 -12.87 21.72
CA ASN A 309 24.72 -12.95 20.39
C ASN A 309 23.99 -14.27 20.22
N HIS A 310 24.54 -15.35 20.77
CA HIS A 310 23.86 -16.66 20.72
C HIS A 310 22.55 -16.60 21.49
N THR A 311 22.55 -15.97 22.67
CA THR A 311 21.32 -15.83 23.44
C THR A 311 20.29 -15.00 22.69
N SER A 312 20.74 -13.90 22.07
CA SER A 312 19.81 -13.06 21.31
C SER A 312 19.24 -13.80 20.11
N LEU A 313 20.07 -14.60 19.45
CA LEU A 313 19.59 -15.38 18.31
C LEU A 313 18.61 -16.45 18.74
N SER A 314 18.85 -17.07 19.90
CA SER A 314 17.90 -18.05 20.43
C SER A 314 16.58 -17.39 20.82
N ASN A 315 16.65 -16.17 21.37
CA ASN A 315 15.43 -15.44 21.69
C ASN A 315 14.67 -15.07 20.42
N TYR A 316 15.39 -14.71 19.35
CA TYR A 316 14.76 -14.48 18.06
C TYR A 316 14.07 -15.74 17.56
N ALA A 317 14.75 -16.89 17.66
CA ALA A 317 14.15 -18.15 17.25
C ALA A 317 12.93 -18.49 18.09
N PHE A 318 12.93 -18.06 19.35
CA PHE A 318 11.72 -18.17 20.16
C PHE A 318 10.62 -17.28 19.61
N LEU A 319 10.98 -16.05 19.23
CA LEU A 319 10.00 -15.14 18.62
C LEU A 319 9.49 -15.71 17.30
N TYR A 320 10.38 -16.26 16.48
CA TYR A 320 9.96 -16.92 15.25
C TYR A 320 9.31 -18.25 15.62
N GLY A 321 7.99 -18.25 15.62
CA GLY A 321 7.21 -19.38 16.10
C GLY A 321 6.08 -18.86 16.96
N VAL A 322 6.36 -17.77 17.68
CA VAL A 322 5.28 -16.98 18.27
C VAL A 322 4.47 -16.28 17.19
N PHE A 323 5.05 -16.11 16.00
CA PHE A 323 4.33 -15.54 14.89
C PHE A 323 3.08 -16.37 14.58
N PRO A 324 1.94 -15.74 14.35
CA PRO A 324 0.70 -16.49 14.14
C PRO A 324 0.73 -17.26 12.82
N VAL A 325 -0.25 -18.16 12.67
CA VAL A 325 -0.34 -18.95 11.46
C VAL A 325 -0.60 -18.04 10.27
N ALA A 326 0.14 -18.27 9.19
CA ALA A 326 0.02 -17.42 8.02
C ALA A 326 -1.34 -17.62 7.35
N PRO A 327 -1.92 -16.57 6.77
CA PRO A 327 -3.14 -16.75 5.99
C PRO A 327 -2.93 -17.61 4.75
N GLY A 328 -1.67 -17.80 4.33
CA GLY A 328 -1.39 -18.70 3.23
C GLY A 328 -1.84 -20.12 3.52
N VAL A 329 -1.80 -20.53 4.78
CA VAL A 329 -2.30 -21.85 5.16
C VAL A 329 -3.81 -21.93 4.91
N ALA A 330 -4.53 -20.86 5.25
CA ALA A 330 -5.97 -20.82 4.97
C ALA A 330 -6.23 -20.83 3.47
N ILE A 331 -5.40 -20.13 2.70
CA ILE A 331 -5.56 -20.14 1.24
C ILE A 331 -5.33 -21.55 0.70
N PHE A 332 -4.32 -22.25 1.23
CA PHE A 332 -4.07 -23.63 0.80
C PHE A 332 -5.24 -24.53 1.15
N ALA A 333 -5.80 -24.37 2.36
CA ALA A 333 -6.94 -25.17 2.76
C ALA A 333 -8.14 -24.91 1.86
N THR A 334 -8.35 -23.64 1.48
CA THR A 334 -9.42 -23.33 0.53
C THR A 334 -9.15 -23.95 -0.84
N GLN A 335 -7.89 -23.93 -1.28
CA GLN A 335 -7.55 -24.48 -2.59
C GLN A 335 -7.83 -25.98 -2.63
N PHE A 336 -7.37 -26.72 -1.62
CA PHE A 336 -7.66 -28.15 -1.57
C PHE A 336 -9.09 -28.44 -1.14
N ASN A 337 -9.70 -27.54 -0.36
CA ASN A 337 -11.07 -27.69 0.13
C ASN A 337 -11.18 -29.03 0.86
N MET A 338 -10.47 -29.13 1.98
CA MET A 338 -10.53 -30.30 2.85
C MET A 338 -10.98 -29.91 4.25
N GLU A 339 -10.39 -28.87 4.83
CA GLU A 339 -10.83 -28.32 6.12
C GLU A 339 -10.56 -26.81 6.10
N VAL A 340 -11.61 -26.03 5.86
CA VAL A 340 -11.51 -24.59 5.76
C VAL A 340 -12.03 -23.90 7.01
N GLU A 341 -12.40 -24.67 8.03
CA GLU A 341 -12.83 -24.14 9.32
C GLU A 341 -11.83 -24.40 10.43
N ILE A 342 -11.19 -25.56 10.43
CA ILE A 342 -10.18 -25.86 11.44
C ILE A 342 -8.95 -24.97 11.24
N ILE A 343 -8.59 -24.71 9.99
CA ILE A 343 -7.38 -23.93 9.71
C ILE A 343 -7.67 -22.43 9.85
N THR A 344 -8.77 -21.97 9.25
CA THR A 344 -9.06 -20.53 9.27
C THR A 344 -9.30 -20.02 10.68
N SER A 345 -10.06 -20.77 11.48
CA SER A 345 -10.32 -20.34 12.85
C SER A 345 -9.04 -20.28 13.66
N GLY A 346 -8.20 -21.31 13.54
CA GLY A 346 -6.92 -21.30 14.24
C GLY A 346 -5.98 -20.24 13.72
N MET A 347 -6.12 -19.85 12.45
CA MET A 347 -5.32 -18.76 11.90
C MET A 347 -5.68 -17.43 12.56
N VAL A 348 -6.98 -17.16 12.71
CA VAL A 348 -7.41 -15.90 13.32
C VAL A 348 -7.13 -15.90 14.82
N ILE A 349 -7.39 -17.03 15.49
CA ILE A 349 -7.19 -17.10 16.93
C ILE A 349 -5.72 -16.94 17.28
N SER A 350 -4.84 -17.61 16.53
CA SER A 350 -3.40 -17.49 16.81
C SER A 350 -2.91 -16.07 16.67
N THR A 351 -3.59 -15.25 15.86
CA THR A 351 -3.24 -13.84 15.78
C THR A 351 -3.51 -13.12 17.10
N PHE A 352 -4.64 -13.43 17.74
CA PHE A 352 -4.96 -12.81 19.02
C PHE A 352 -4.18 -13.40 20.19
N VAL A 353 -3.54 -14.55 19.99
CA VAL A 353 -2.77 -15.19 21.06
C VAL A 353 -1.31 -14.81 20.91
N SER A 354 -0.88 -14.57 19.67
CA SER A 354 0.51 -14.22 19.41
C SER A 354 0.89 -12.89 20.06
N ALA A 355 -0.01 -11.90 20.01
CA ALA A 355 0.32 -10.59 20.58
C ALA A 355 0.57 -10.65 22.08
N PRO A 356 -0.28 -11.29 22.90
CA PRO A 356 0.08 -11.43 24.32
C PRO A 356 1.34 -12.27 24.52
N ILE A 357 1.47 -13.38 23.79
CA ILE A 357 2.60 -14.28 23.98
C ILE A 357 3.90 -13.59 23.62
N MET A 358 3.93 -12.89 22.48
CA MET A 358 5.15 -12.19 22.08
C MET A 358 5.52 -11.11 23.08
N TYR A 359 4.54 -10.37 23.58
CA TYR A 359 4.82 -9.38 24.62
C TYR A 359 5.28 -10.05 25.91
N VAL A 360 4.57 -11.11 26.32
CA VAL A 360 4.95 -11.82 27.55
C VAL A 360 6.32 -12.47 27.40
N SER A 361 6.56 -13.12 26.26
CA SER A 361 7.79 -13.87 26.08
C SER A 361 9.02 -12.96 26.13
N ALA A 362 9.01 -11.89 25.33
CA ALA A 362 10.16 -11.00 25.28
C ALA A 362 10.34 -10.28 26.62
N TRP A 363 9.24 -9.90 27.27
CA TRP A 363 9.34 -9.33 28.60
C TRP A 363 9.94 -10.33 29.57
N LEU A 364 9.51 -11.59 29.49
CA LEU A 364 10.14 -12.65 30.25
C LEU A 364 11.55 -12.95 29.76
N LEU A 365 11.86 -12.62 28.50
CA LEU A 365 13.19 -12.84 27.94
C LEU A 365 14.11 -11.65 28.14
N THR A 366 13.58 -10.46 28.43
CA THR A 366 14.40 -9.32 28.79
C THR A 366 14.43 -9.06 30.29
N PHE A 367 13.57 -9.72 31.07
CA PHE A 367 13.60 -9.58 32.52
C PHE A 367 14.93 -10.03 33.13
N PRO A 368 15.51 -11.20 32.78
CA PRO A 368 16.81 -11.53 33.38
C PRO A 368 17.93 -10.63 32.86
N PRO B 35 22.47 21.81 -10.50
CA PRO B 35 21.18 22.50 -10.50
C PRO B 35 20.41 22.31 -9.19
N SER B 36 19.44 23.19 -8.94
CA SER B 36 18.62 23.06 -7.74
C SER B 36 17.82 21.76 -7.77
N MET B 37 17.24 21.43 -8.91
CA MET B 37 16.51 20.18 -9.08
C MET B 37 17.42 19.13 -9.73
N SER B 38 17.26 17.88 -9.29
CA SER B 38 18.07 16.77 -9.75
C SER B 38 17.43 16.22 -11.02
N ILE B 39 17.93 16.64 -12.18
CA ILE B 39 17.38 16.16 -13.45
C ILE B 39 17.70 14.69 -13.66
N THR B 40 18.84 14.22 -13.14
CA THR B 40 19.21 12.82 -13.31
C THR B 40 18.25 11.90 -12.55
N ARG B 41 17.69 12.39 -11.45
CA ARG B 41 16.74 11.61 -10.67
C ARG B 41 15.31 11.76 -11.16
N LEU B 42 15.06 12.64 -12.13
CA LEU B 42 13.69 12.84 -12.61
C LEU B 42 13.20 11.63 -13.38
N PHE B 43 14.03 11.11 -14.30
CA PHE B 43 13.62 9.96 -15.11
C PHE B 43 13.33 8.73 -14.25
N PRO B 44 14.14 8.37 -13.25
CA PRO B 44 13.74 7.26 -12.36
C PRO B 44 12.42 7.49 -11.64
N ALA B 45 12.12 8.74 -11.25
CA ALA B 45 10.84 9.00 -10.61
C ALA B 45 9.68 8.79 -11.57
N LEU B 46 9.81 9.28 -12.80
CA LEU B 46 8.79 9.02 -13.81
C LEU B 46 8.66 7.54 -14.08
N LEU B 47 9.79 6.84 -14.14
CA LEU B 47 9.77 5.39 -14.35
C LEU B 47 8.99 4.71 -13.25
N GLU B 48 9.25 5.06 -12.00
CA GLU B 48 8.51 4.48 -10.87
C GLU B 48 7.02 4.76 -10.99
N CYS B 49 6.65 6.03 -11.14
CA CYS B 49 5.24 6.41 -11.10
C CYS B 49 4.47 5.77 -12.26
N PHE B 50 4.96 5.95 -13.49
CA PHE B 50 4.24 5.43 -14.63
C PHE B 50 4.45 3.93 -14.82
N GLY B 51 5.42 3.32 -14.15
CA GLY B 51 5.52 1.88 -14.16
C GLY B 51 4.52 1.23 -13.23
N ILE B 52 4.28 1.86 -12.07
CA ILE B 52 3.18 1.38 -11.23
C ILE B 52 1.84 1.63 -11.92
N VAL B 53 1.70 2.76 -12.61
CA VAL B 53 0.50 3.00 -13.40
C VAL B 53 0.34 1.95 -14.51
N LEU B 54 1.43 1.60 -15.18
CA LEU B 54 1.38 0.56 -16.21
C LEU B 54 1.04 -0.80 -15.63
N CYS B 55 1.58 -1.12 -14.45
CA CYS B 55 1.23 -2.37 -13.80
C CYS B 55 -0.25 -2.44 -13.49
N GLY B 56 -0.81 -1.35 -12.95
CA GLY B 56 -2.24 -1.31 -12.71
C GLY B 56 -3.05 -1.42 -13.98
N TYR B 57 -2.61 -0.73 -15.03
CA TYR B 57 -3.33 -0.76 -16.30
C TYR B 57 -3.34 -2.15 -16.91
N ILE B 58 -2.19 -2.83 -16.87
CA ILE B 58 -2.11 -4.18 -17.42
C ILE B 58 -2.91 -5.16 -16.57
N ALA B 59 -2.91 -4.97 -15.25
CA ALA B 59 -3.71 -5.82 -14.37
C ALA B 59 -5.19 -5.67 -14.69
N GLY B 60 -5.64 -4.43 -14.91
CA GLY B 60 -7.03 -4.22 -15.29
C GLY B 60 -7.35 -4.77 -16.67
N ARG B 61 -6.42 -4.60 -17.61
CA ARG B 61 -6.65 -5.06 -18.99
C ARG B 61 -6.70 -6.57 -19.08
N ALA B 62 -5.86 -7.27 -18.31
CA ALA B 62 -5.83 -8.73 -18.32
C ALA B 62 -6.84 -9.34 -17.36
N ASN B 63 -7.67 -8.52 -16.72
CA ASN B 63 -8.67 -8.92 -15.73
C ASN B 63 -8.02 -9.52 -14.49
N VAL B 64 -6.76 -9.21 -14.20
CA VAL B 64 -6.14 -9.66 -12.96
C VAL B 64 -6.89 -9.07 -11.76
N ILE B 65 -7.19 -7.78 -11.82
CA ILE B 65 -8.05 -7.13 -10.85
C ILE B 65 -9.22 -6.52 -11.61
N THR B 66 -10.44 -6.95 -11.25
CA THR B 66 -11.62 -6.53 -11.98
C THR B 66 -12.04 -5.12 -11.57
N SER B 67 -13.13 -4.64 -12.16
CA SER B 67 -13.63 -3.30 -11.84
C SER B 67 -14.17 -3.25 -10.42
N THR B 68 -14.96 -4.25 -10.03
CA THR B 68 -15.50 -4.29 -8.67
C THR B 68 -14.38 -4.44 -7.64
N GLN B 69 -13.39 -5.29 -7.93
CA GLN B 69 -12.29 -5.51 -7.00
C GLN B 69 -11.44 -4.26 -6.84
N ALA B 70 -11.42 -3.39 -7.86
CA ALA B 70 -10.63 -2.15 -7.78
C ALA B 70 -11.13 -1.21 -6.70
N LYS B 71 -12.41 -1.31 -6.32
CA LYS B 71 -12.96 -0.41 -5.31
C LYS B 71 -12.33 -0.64 -3.95
N GLY B 72 -11.97 -1.89 -3.64
CA GLY B 72 -11.32 -2.19 -2.38
C GLY B 72 -9.98 -1.48 -2.24
N LEU B 73 -9.18 -1.48 -3.30
CA LEU B 73 -7.95 -0.70 -3.30
C LEU B 73 -8.23 0.79 -3.34
N GLY B 74 -9.29 1.21 -4.02
CA GLY B 74 -9.66 2.61 -4.02
C GLY B 74 -10.08 3.11 -2.65
N ASN B 75 -10.85 2.28 -1.94
CA ASN B 75 -11.27 2.65 -0.58
C ASN B 75 -10.10 2.68 0.38
N PHE B 76 -9.15 1.75 0.21
CA PHE B 76 -7.99 1.71 1.12
C PHE B 76 -7.15 2.97 0.99
N VAL B 77 -6.94 3.47 -0.24
CA VAL B 77 -6.09 4.63 -0.40
C VAL B 77 -6.82 5.92 -0.02
N SER B 78 -8.06 6.10 -0.46
CA SER B 78 -8.78 7.34 -0.23
C SER B 78 -9.29 7.47 1.20
N ARG B 79 -9.74 6.35 1.79
CA ARG B 79 -10.41 6.38 3.08
C ARG B 79 -9.49 5.99 4.24
N PHE B 80 -8.39 5.27 3.97
CA PHE B 80 -7.48 4.90 5.04
C PHE B 80 -6.05 5.42 4.82
N ALA B 81 -5.50 5.17 3.63
CA ALA B 81 -4.08 5.47 3.41
C ALA B 81 -3.83 6.97 3.27
N LEU B 82 -4.71 7.68 2.55
CA LEU B 82 -4.50 9.11 2.39
C LEU B 82 -4.80 9.90 3.66
N PRO B 83 -5.91 9.66 4.38
CA PRO B 83 -6.12 10.42 5.62
C PRO B 83 -5.02 10.23 6.66
N ALA B 84 -4.45 9.03 6.76
CA ALA B 84 -3.36 8.82 7.71
C ALA B 84 -2.14 9.65 7.34
N LEU B 85 -1.77 9.66 6.06
CA LEU B 85 -0.65 10.48 5.61
C LEU B 85 -0.93 11.97 5.81
N LEU B 86 -2.16 12.40 5.51
CA LEU B 86 -2.53 13.80 5.71
C LEU B 86 -2.45 14.19 7.17
N PHE B 87 -2.94 13.33 8.07
CA PHE B 87 -2.88 13.62 9.50
C PHE B 87 -1.43 13.68 9.98
N LYS B 88 -0.60 12.71 9.56
CA LYS B 88 0.78 12.69 9.99
C LYS B 88 1.58 13.88 9.46
N ASN B 89 1.29 14.34 8.24
CA ASN B 89 1.98 15.48 7.67
C ASN B 89 1.38 16.81 8.10
N MET B 90 0.16 16.81 8.66
CA MET B 90 -0.46 18.02 9.17
C MET B 90 -0.09 18.29 10.62
N VAL B 91 -0.02 17.25 11.45
CA VAL B 91 0.37 17.45 12.86
C VAL B 91 1.83 17.86 12.96
N VAL B 92 2.69 17.25 12.15
CA VAL B 92 4.13 17.51 12.18
C VAL B 92 4.47 18.88 11.60
N LEU B 93 3.71 19.35 10.62
CA LEU B 93 4.04 20.57 9.90
C LEU B 93 4.10 21.77 10.84
N ASN B 94 5.17 22.55 10.71
CA ASN B 94 5.35 23.79 11.48
C ASN B 94 4.79 24.95 10.65
N PHE B 95 3.56 25.35 10.99
CA PHE B 95 2.88 26.40 10.24
C PHE B 95 3.60 27.74 10.35
N SER B 96 4.41 27.92 11.39
CA SER B 96 5.14 29.17 11.55
C SER B 96 6.18 29.35 10.46
N ASN B 97 6.97 28.29 10.20
CA ASN B 97 8.05 28.35 9.22
C ASN B 97 7.52 27.85 7.87
N VAL B 98 6.68 28.67 7.26
CA VAL B 98 6.11 28.37 5.94
C VAL B 98 6.24 29.62 5.08
N ASP B 99 6.81 29.45 3.88
CA ASP B 99 6.92 30.56 2.93
C ASP B 99 5.56 30.75 2.28
N TRP B 100 4.75 31.64 2.87
CA TRP B 100 3.40 31.86 2.40
C TRP B 100 3.37 32.51 1.02
N SER B 101 4.50 33.09 0.58
CA SER B 101 4.54 33.75 -0.72
C SER B 101 4.27 32.76 -1.85
N PHE B 102 4.89 31.59 -1.80
CA PHE B 102 4.62 30.55 -2.81
C PHE B 102 3.18 30.12 -2.76
N LEU B 103 2.63 29.92 -1.57
CA LEU B 103 1.26 29.46 -1.44
C LEU B 103 0.30 30.50 -2.00
N TYR B 104 0.49 31.76 -1.61
CA TYR B 104 -0.35 32.82 -2.13
C TYR B 104 -0.24 32.91 -3.65
N SER B 105 0.98 32.83 -4.18
CA SER B 105 1.18 32.94 -5.62
C SER B 105 0.45 31.83 -6.36
N ILE B 106 0.54 30.60 -5.85
CA ILE B 106 -0.08 29.47 -6.54
C ILE B 106 -1.61 29.52 -6.46
N LEU B 107 -2.17 29.84 -5.30
CA LEU B 107 -3.63 30.00 -5.24
C LEU B 107 -4.12 31.19 -6.07
N ILE B 108 -3.35 32.28 -6.13
CA ILE B 108 -3.78 33.38 -7.00
C ILE B 108 -3.70 32.98 -8.47
N ALA B 109 -2.70 32.21 -8.85
CA ALA B 109 -2.61 31.71 -10.21
C ALA B 109 -3.78 30.78 -10.54
N LYS B 110 -4.09 29.85 -9.63
CA LYS B 110 -5.20 28.93 -9.86
C LYS B 110 -6.53 29.65 -9.89
N ALA B 111 -6.70 30.67 -9.05
CA ALA B 111 -7.92 31.46 -9.07
C ALA B 111 -8.05 32.27 -10.34
N SER B 112 -6.93 32.81 -10.84
CA SER B 112 -6.97 33.55 -12.10
C SER B 112 -7.33 32.63 -13.25
N VAL B 113 -6.75 31.43 -13.28
CA VAL B 113 -7.11 30.44 -14.31
C VAL B 113 -8.57 30.03 -14.16
N PHE B 114 -9.03 29.82 -12.93
CA PHE B 114 -10.43 29.50 -12.67
C PHE B 114 -11.35 30.59 -13.22
N PHE B 115 -11.02 31.85 -12.94
CA PHE B 115 -11.83 32.97 -13.39
C PHE B 115 -11.84 33.06 -14.92
N ILE B 116 -10.66 32.90 -15.54
CA ILE B 116 -10.56 33.01 -16.99
C ILE B 116 -11.36 31.90 -17.67
N VAL B 117 -11.17 30.66 -17.23
CA VAL B 117 -11.89 29.53 -17.81
C VAL B 117 -13.39 29.67 -17.58
N CYS B 118 -13.77 30.14 -16.38
CA CYS B 118 -15.19 30.28 -16.06
C CYS B 118 -15.85 31.32 -16.96
N VAL B 119 -15.23 32.49 -17.12
CA VAL B 119 -15.85 33.53 -17.94
C VAL B 119 -15.87 33.12 -19.41
N LEU B 120 -14.78 32.51 -19.89
CA LEU B 120 -14.77 32.09 -21.29
C LEU B 120 -15.84 31.04 -21.55
N THR B 121 -15.96 30.05 -20.66
CA THR B 121 -16.97 29.02 -20.84
C THR B 121 -18.37 29.60 -20.76
N LEU B 122 -18.60 30.52 -19.80
CA LEU B 122 -19.92 31.12 -19.66
C LEU B 122 -20.30 31.91 -20.91
N LEU B 123 -19.32 32.56 -21.54
CA LEU B 123 -19.60 33.32 -22.75
C LEU B 123 -19.84 32.41 -23.95
N VAL B 124 -19.03 31.35 -24.11
CA VAL B 124 -19.01 30.59 -25.35
C VAL B 124 -19.80 29.30 -25.29
N ALA B 125 -20.00 28.69 -24.12
CA ALA B 125 -20.68 27.40 -24.07
C ALA B 125 -22.17 27.56 -24.35
N SER B 126 -22.81 26.47 -24.75
CA SER B 126 -24.21 26.52 -25.10
C SER B 126 -25.05 26.87 -23.86
N PRO B 127 -26.08 27.69 -24.02
CA PRO B 127 -26.95 28.02 -22.89
C PRO B 127 -27.40 26.84 -22.05
N ASP B 128 -27.42 25.63 -22.60
CA ASP B 128 -27.99 24.49 -21.89
C ASP B 128 -27.17 24.14 -20.65
N SER B 129 -25.84 24.09 -20.78
CA SER B 129 -24.99 23.59 -19.72
C SER B 129 -23.76 24.49 -19.53
N ARG B 130 -23.99 25.81 -19.50
CA ARG B 130 -22.88 26.72 -19.22
C ARG B 130 -22.33 26.53 -17.81
N PHE B 131 -23.22 26.39 -16.83
CA PHE B 131 -22.79 26.38 -15.42
C PHE B 131 -22.05 25.10 -15.08
N SER B 132 -22.48 23.96 -15.64
CA SER B 132 -21.79 22.71 -15.39
C SER B 132 -20.36 22.77 -15.91
N LYS B 133 -20.18 23.21 -17.16
CA LYS B 133 -18.85 23.37 -17.71
C LYS B 133 -18.07 24.46 -16.98
N ALA B 134 -18.71 25.59 -16.70
CA ALA B 134 -18.03 26.67 -16.01
C ALA B 134 -17.69 26.31 -14.57
N GLY B 135 -18.25 25.21 -14.04
CA GLY B 135 -17.93 24.72 -12.69
C GLY B 135 -16.85 23.65 -12.73
N LEU B 136 -16.97 22.66 -13.61
CA LEU B 136 -16.02 21.50 -13.67
C LEU B 136 -14.78 21.78 -14.50
N PHE B 137 -14.86 22.53 -15.60
CA PHE B 137 -13.72 22.83 -16.50
C PHE B 137 -12.67 23.67 -15.78
N PRO B 138 -13.03 24.72 -15.02
CA PRO B 138 -12.04 25.47 -14.23
C PRO B 138 -11.42 24.61 -13.14
N ILE B 139 -12.14 23.61 -12.61
CA ILE B 139 -11.63 22.67 -11.57
C ILE B 139 -10.69 21.69 -12.27
N PHE B 140 -11.04 21.20 -13.44
CA PHE B 140 -10.18 20.31 -14.25
C PHE B 140 -8.85 21.00 -14.50
N ALA B 141 -8.85 22.29 -14.83
CA ALA B 141 -7.64 23.00 -15.27
C ALA B 141 -6.85 23.62 -14.11
N THR B 142 -7.23 23.34 -12.86
CA THR B 142 -6.49 23.86 -11.73
C THR B 142 -6.13 22.80 -10.70
N GLN B 143 -7.02 21.85 -10.44
CA GLN B 143 -6.78 20.81 -9.44
C GLN B 143 -5.96 19.69 -10.07
N SER B 144 -4.80 19.42 -9.49
CA SER B 144 -3.85 18.47 -10.06
C SER B 144 -3.61 17.31 -9.11
N ASN B 145 -3.03 16.23 -9.66
CA ASN B 145 -2.69 15.03 -8.90
C ASN B 145 -1.42 15.33 -8.12
N ASP B 146 -1.59 15.76 -6.87
CA ASP B 146 -0.45 16.23 -6.04
C ASP B 146 0.03 15.16 -5.05
N PHE B 147 -0.82 14.24 -4.61
CA PHE B 147 -0.42 13.23 -3.63
C PHE B 147 0.10 11.96 -4.32
N ALA B 148 -0.74 11.35 -5.16
CA ALA B 148 -0.35 10.11 -5.82
C ALA B 148 0.83 10.31 -6.76
N LEU B 149 0.74 11.33 -7.63
CA LEU B 149 1.76 11.57 -8.63
C LEU B 149 2.67 12.75 -8.31
N GLY B 150 2.12 13.85 -7.80
CA GLY B 150 2.96 15.03 -7.57
C GLY B 150 4.00 14.82 -6.49
N TYR B 151 3.63 14.15 -5.40
CA TYR B 151 4.55 13.97 -4.28
C TYR B 151 5.79 13.16 -4.63
N PRO B 152 5.71 12.01 -5.32
CA PRO B 152 6.95 11.29 -5.65
C PRO B 152 7.92 12.11 -6.48
N ILE B 153 7.41 12.91 -7.43
CA ILE B 153 8.30 13.70 -8.28
C ILE B 153 9.03 14.75 -7.46
N VAL B 154 8.30 15.50 -6.64
CA VAL B 154 8.91 16.52 -5.80
C VAL B 154 9.88 15.90 -4.81
N GLU B 155 9.52 14.72 -4.29
CA GLU B 155 10.41 14.00 -3.39
C GLU B 155 11.72 13.63 -4.09
N ALA B 156 11.63 13.20 -5.36
CA ALA B 156 12.83 12.87 -6.10
C ALA B 156 13.70 14.09 -6.38
N LEU B 157 13.10 15.19 -6.81
CA LEU B 157 13.86 16.36 -7.21
C LEU B 157 14.14 17.37 -6.10
N TYR B 158 13.45 17.29 -4.97
CA TYR B 158 13.58 18.29 -3.92
C TYR B 158 13.72 17.64 -2.55
N GLN B 159 14.58 16.63 -2.45
CA GLN B 159 14.85 16.00 -1.16
C GLN B 159 16.20 16.36 -0.58
N THR B 160 17.26 16.26 -1.37
CA THR B 160 18.61 16.58 -0.92
C THR B 160 18.94 18.06 -1.06
N THR B 161 18.08 18.84 -1.69
CA THR B 161 18.30 20.26 -1.89
C THR B 161 17.28 21.13 -1.16
N TYR B 162 15.99 20.93 -1.41
CA TYR B 162 14.93 21.77 -0.87
C TYR B 162 13.83 20.90 -0.29
N PRO B 163 14.05 20.32 0.89
CA PRO B 163 13.01 19.48 1.51
C PRO B 163 11.76 20.24 1.90
N GLU B 164 11.84 21.57 2.06
CA GLU B 164 10.66 22.34 2.41
C GLU B 164 9.63 22.33 1.28
N TYR B 165 10.06 22.05 0.05
CA TYR B 165 9.16 22.04 -1.08
C TYR B 165 8.12 20.91 -1.00
N LEU B 166 8.36 19.90 -0.16
CA LEU B 166 7.42 18.79 -0.05
C LEU B 166 6.18 19.17 0.74
N GLN B 167 6.30 20.13 1.67
CA GLN B 167 5.16 20.49 2.51
C GLN B 167 4.14 21.30 1.74
N TYR B 168 4.57 22.00 0.68
CA TYR B 168 3.63 22.80 -0.11
C TYR B 168 2.64 21.92 -0.85
N ILE B 169 2.98 20.65 -1.09
CA ILE B 169 2.03 19.73 -1.68
C ILE B 169 0.84 19.54 -0.77
N TYR B 170 1.07 19.48 0.54
CA TYR B 170 0.03 19.26 1.53
C TYR B 170 -0.60 20.55 2.04
N LEU B 171 -0.18 21.69 1.50
CA LEU B 171 -0.79 22.98 1.82
C LEU B 171 -1.49 23.60 0.62
N VAL B 172 -0.93 23.47 -0.58
CA VAL B 172 -1.58 24.02 -1.76
C VAL B 172 -2.86 23.25 -2.08
N ALA B 173 -2.76 21.92 -2.14
CA ALA B 173 -3.90 21.10 -2.55
C ALA B 173 -5.10 21.24 -1.61
N PRO B 174 -4.95 21.14 -0.28
CA PRO B 174 -6.13 21.33 0.58
C PRO B 174 -6.74 22.71 0.46
N ILE B 175 -5.91 23.76 0.44
CA ILE B 175 -6.44 25.12 0.35
C ILE B 175 -7.05 25.36 -1.02
N SER B 176 -6.46 24.79 -2.08
CA SER B 176 -7.08 24.88 -3.40
C SER B 176 -8.44 24.18 -3.42
N LEU B 177 -8.54 23.04 -2.73
CA LEU B 177 -9.80 22.32 -2.65
C LEU B 177 -10.81 23.06 -1.79
N MET B 178 -10.35 23.90 -0.87
CA MET B 178 -11.23 24.66 0.02
C MET B 178 -11.61 26.03 -0.53
N MET B 179 -10.99 26.48 -1.62
CA MET B 179 -11.29 27.79 -2.19
C MET B 179 -11.91 27.70 -3.58
N LEU B 180 -11.23 27.10 -4.55
CA LEU B 180 -11.75 27.05 -5.91
C LEU B 180 -12.86 26.02 -6.05
N ASN B 181 -12.70 24.85 -5.42
CA ASN B 181 -13.72 23.82 -5.51
C ASN B 181 -15.09 24.26 -5.01
N PRO B 182 -15.23 25.02 -3.91
CA PRO B 182 -16.57 25.50 -3.54
C PRO B 182 -17.29 26.25 -4.65
N ILE B 183 -16.57 27.08 -5.42
CA ILE B 183 -17.20 27.82 -6.51
C ILE B 183 -17.67 26.87 -7.60
N GLY B 184 -16.84 25.89 -7.95
CA GLY B 184 -17.24 24.93 -8.97
C GLY B 184 -18.44 24.11 -8.54
N PHE B 185 -18.45 23.68 -7.28
CA PHE B 185 -19.59 22.93 -6.76
C PHE B 185 -20.84 23.80 -6.72
N ILE B 186 -20.69 25.09 -6.42
CA ILE B 186 -21.82 26.01 -6.46
C ILE B 186 -22.38 26.11 -7.88
N PHE B 187 -21.48 26.19 -8.87
CA PHE B 187 -21.94 26.23 -10.26
C PHE B 187 -22.67 24.94 -10.65
N CYS B 188 -22.14 23.79 -10.21
CA CYS B 188 -22.81 22.52 -10.49
C CYS B 188 -24.16 22.44 -9.78
N GLU B 189 -24.27 22.99 -8.58
CA GLU B 189 -25.57 23.03 -7.90
C GLU B 189 -26.53 23.96 -8.61
N ILE B 190 -26.04 25.04 -9.20
CA ILE B 190 -26.88 25.91 -10.02
C ILE B 190 -27.40 25.14 -11.23
N GLN B 191 -26.52 24.35 -11.86
CA GLN B 191 -26.95 23.53 -12.99
C GLN B 191 -28.00 22.51 -12.56
N LYS B 192 -27.81 21.88 -11.39
CA LYS B 192 -28.80 20.95 -10.88
C LYS B 192 -30.11 21.65 -10.55
N TRP B 193 -30.02 22.90 -10.09
CA TRP B 193 -31.23 23.68 -9.79
C TRP B 193 -32.02 23.98 -11.05
N LYS B 194 -31.34 24.37 -12.13
CA LYS B 194 -32.06 24.58 -13.38
C LYS B 194 -32.53 23.26 -13.97
N ASP B 195 -31.91 22.15 -13.59
CA ASP B 195 -32.48 20.84 -13.90
C ASP B 195 -33.76 20.58 -13.11
N THR B 196 -33.99 21.32 -12.04
CA THR B 196 -35.20 21.19 -11.22
C THR B 196 -35.87 22.56 -11.09
N GLN B 197 -36.07 23.23 -12.22
CA GLN B 197 -36.52 24.62 -12.28
C GLN B 197 -37.73 24.89 -11.37
N ASN B 198 -37.58 25.84 -10.45
CA ASN B 198 -38.64 26.23 -9.55
C ASN B 198 -38.38 27.65 -9.07
N ALA B 199 -39.42 28.28 -8.53
CA ALA B 199 -39.29 29.65 -8.04
C ALA B 199 -38.33 29.73 -6.85
N SER B 200 -38.22 28.66 -6.07
CA SER B 200 -37.35 28.64 -4.89
C SER B 200 -35.93 28.32 -5.33
N GLN B 201 -35.15 29.38 -5.56
CA GLN B 201 -33.76 29.20 -5.95
C GLN B 201 -32.91 28.74 -4.78
N ASN B 202 -33.42 28.89 -3.54
CA ASN B 202 -32.76 28.47 -2.30
C ASN B 202 -31.25 28.72 -2.35
N LYS B 203 -30.88 29.99 -2.51
CA LYS B 203 -29.46 30.35 -2.63
C LYS B 203 -28.65 29.90 -1.44
N ILE B 204 -29.26 29.93 -0.25
CA ILE B 204 -28.55 29.48 0.96
C ILE B 204 -28.22 28.00 0.84
N LYS B 205 -29.17 27.20 0.36
CA LYS B 205 -28.92 25.77 0.16
C LYS B 205 -27.84 25.55 -0.90
N ILE B 206 -27.86 26.34 -1.97
CA ILE B 206 -26.88 26.17 -3.04
C ILE B 206 -25.47 26.39 -2.50
N VAL B 207 -25.28 27.47 -1.73
CA VAL B 207 -24.00 27.68 -1.08
C VAL B 207 -23.74 26.62 -0.03
N GLY B 208 -24.79 26.17 0.67
CA GLY B 208 -24.60 25.16 1.70
C GLY B 208 -24.10 23.84 1.14
N LEU B 209 -24.71 23.37 0.04
CA LEU B 209 -24.28 22.12 -0.57
C LEU B 209 -22.88 22.23 -1.14
N GLY B 210 -22.54 23.40 -1.70
CA GLY B 210 -21.22 23.58 -2.27
C GLY B 210 -20.12 23.50 -1.22
N LEU B 211 -20.35 24.10 -0.05
CA LEU B 211 -19.36 24.03 1.01
C LEU B 211 -19.39 22.67 1.70
N LEU B 212 -20.57 22.05 1.80
CA LEU B 212 -20.68 20.76 2.48
C LEU B 212 -19.88 19.68 1.74
N ARG B 213 -19.93 19.69 0.41
CA ARG B 213 -19.17 18.71 -0.36
C ARG B 213 -17.67 18.85 -0.10
N VAL B 214 -17.18 20.08 0.00
CA VAL B 214 -15.77 20.31 0.32
C VAL B 214 -15.45 19.79 1.71
N LEU B 215 -16.33 20.06 2.68
CA LEU B 215 -16.09 19.60 4.05
C LEU B 215 -16.10 18.08 4.13
N GLN B 216 -16.98 17.42 3.37
CA GLN B 216 -17.05 15.98 3.36
C GLN B 216 -15.80 15.32 2.76
N ASN B 217 -15.02 16.05 1.98
CA ASN B 217 -13.83 15.49 1.37
C ASN B 217 -12.78 15.20 2.44
N PRO B 218 -12.19 13.99 2.44
CA PRO B 218 -11.17 13.69 3.48
C PRO B 218 -10.00 14.66 3.47
N ILE B 219 -9.57 15.11 2.29
CA ILE B 219 -8.40 15.99 2.19
C ILE B 219 -8.65 17.29 2.94
N VAL B 220 -9.90 17.63 3.22
CA VAL B 220 -10.24 18.88 3.87
C VAL B 220 -10.41 18.69 5.38
N PHE B 221 -11.30 17.78 5.78
CA PHE B 221 -11.59 17.64 7.20
C PHE B 221 -10.47 16.91 7.93
N MET B 222 -9.77 15.98 7.25
CA MET B 222 -8.54 15.44 7.83
C MET B 222 -7.47 16.51 7.98
N VAL B 223 -7.40 17.48 7.06
CA VAL B 223 -6.44 18.57 7.22
C VAL B 223 -6.82 19.44 8.41
N PHE B 224 -8.12 19.70 8.59
CA PHE B 224 -8.56 20.46 9.76
C PHE B 224 -8.23 19.74 11.06
N ILE B 225 -8.49 18.43 11.10
CA ILE B 225 -8.16 17.65 12.29
C ILE B 225 -6.66 17.63 12.53
N GLY B 226 -5.87 17.57 11.45
CA GLY B 226 -4.43 17.61 11.60
C GLY B 226 -3.92 18.93 12.15
N ILE B 227 -4.52 20.03 11.72
CA ILE B 227 -4.17 21.35 12.28
C ILE B 227 -4.54 21.39 13.76
N ALA B 228 -5.75 20.92 14.08
CA ALA B 228 -6.21 20.90 15.47
C ALA B 228 -5.23 20.12 16.34
N PHE B 229 -4.83 18.92 15.91
CA PHE B 229 -3.91 18.13 16.70
C PHE B 229 -2.47 18.62 16.61
N ASN B 230 -2.13 19.41 15.60
CA ASN B 230 -0.85 20.10 15.59
C ASN B 230 -0.78 21.11 16.72
N PHE B 231 -1.88 21.80 16.99
CA PHE B 231 -1.93 22.70 18.14
C PHE B 231 -2.07 21.95 19.46
N ILE B 232 -2.90 20.90 19.52
CA ILE B 232 -3.10 20.18 20.77
C ILE B 232 -1.85 19.41 21.18
N LEU B 233 -1.29 18.64 20.24
CA LEU B 233 -0.15 17.78 20.53
C LEU B 233 1.18 18.50 20.37
N ASP B 234 1.16 19.79 20.01
CA ASP B 234 2.38 20.59 19.87
C ASP B 234 3.36 19.95 18.89
N ARG B 235 2.83 19.51 17.75
CA ARG B 235 3.62 18.97 16.64
C ARG B 235 4.35 17.67 17.00
N LYS B 236 3.89 16.96 18.03
CA LYS B 236 4.52 15.71 18.46
C LYS B 236 3.46 14.61 18.46
N VAL B 237 3.43 13.82 17.40
CA VAL B 237 2.58 12.64 17.37
C VAL B 237 3.07 11.63 18.40
N PRO B 238 2.21 11.03 19.20
CA PRO B 238 2.67 10.04 20.18
C PRO B 238 3.37 8.86 19.51
N VAL B 239 4.41 8.35 20.17
CA VAL B 239 5.18 7.23 19.63
C VAL B 239 4.31 5.99 19.51
N TYR B 240 3.24 5.91 20.32
CA TYR B 240 2.34 4.77 20.25
C TYR B 240 1.64 4.70 18.90
N VAL B 241 1.27 5.85 18.34
CA VAL B 241 0.56 5.87 17.05
C VAL B 241 1.46 6.24 15.88
N GLU B 242 2.73 6.57 16.14
CA GLU B 242 3.63 6.92 15.05
C GLU B 242 3.82 5.75 14.09
N ASN B 243 4.06 4.56 14.64
CA ASN B 243 4.24 3.38 13.78
C ASN B 243 2.97 3.06 13.00
N PHE B 244 1.82 3.14 13.65
CA PHE B 244 0.55 2.87 12.96
C PHE B 244 0.33 3.86 11.83
N LEU B 245 0.56 5.15 12.08
CA LEU B 245 0.36 6.16 11.06
C LEU B 245 1.35 6.01 9.91
N ASP B 246 2.61 5.71 10.23
CA ASP B 246 3.63 5.53 9.19
C ASP B 246 3.50 4.21 8.45
N GLY B 247 2.75 3.26 8.99
CA GLY B 247 2.50 2.02 8.28
C GLY B 247 1.28 2.12 7.40
N LEU B 248 0.28 2.88 7.85
CA LEU B 248 -0.91 3.10 7.04
C LEU B 248 -0.71 4.20 6.00
N GLY B 249 0.31 5.04 6.15
CA GLY B 249 0.53 6.14 5.23
C GLY B 249 1.67 5.92 4.26
N ASN B 250 2.48 4.90 4.49
CA ASN B 250 3.54 4.53 3.55
C ASN B 250 3.05 3.60 2.46
N SER B 251 1.80 3.16 2.53
CA SER B 251 1.20 2.29 1.53
C SER B 251 0.34 3.06 0.54
N PHE B 252 0.36 4.39 0.61
CA PHE B 252 -0.48 5.20 -0.27
C PHE B 252 0.10 5.36 -1.67
N SER B 253 1.36 5.83 -1.77
CA SER B 253 1.90 6.25 -3.06
C SER B 253 1.85 5.12 -4.08
N GLY B 254 2.39 3.95 -3.72
CA GLY B 254 2.33 2.82 -4.63
C GLY B 254 0.94 2.34 -4.91
N SER B 255 0.11 2.19 -3.87
CA SER B 255 -1.26 1.77 -4.06
C SER B 255 -2.09 2.79 -4.81
N ALA B 256 -1.90 4.08 -4.54
CA ALA B 256 -2.60 5.12 -5.29
C ALA B 256 -2.20 5.15 -6.75
N LEU B 257 -0.90 4.99 -7.06
CA LEU B 257 -0.48 4.92 -8.45
C LEU B 257 -1.05 3.68 -9.14
N PHE B 258 -1.07 2.55 -8.43
CA PHE B 258 -1.67 1.34 -8.99
C PHE B 258 -3.16 1.53 -9.25
N TYR B 259 -3.86 2.20 -8.34
CA TYR B 259 -5.28 2.45 -8.54
C TYR B 259 -5.52 3.45 -9.67
N LEU B 260 -4.63 4.42 -9.83
CA LEU B 260 -4.73 5.34 -10.96
C LEU B 260 -4.58 4.60 -12.28
N GLY B 261 -3.61 3.68 -12.34
CA GLY B 261 -3.49 2.83 -13.53
C GLY B 261 -4.68 1.93 -13.72
N LEU B 262 -5.24 1.41 -12.63
CA LEU B 262 -6.37 0.49 -12.70
C LEU B 262 -7.66 1.16 -13.17
N THR B 263 -7.89 2.42 -12.78
CA THR B 263 -9.06 3.14 -13.22
C THR B 263 -8.92 3.69 -14.64
N MET B 264 -7.71 3.68 -15.19
CA MET B 264 -7.44 4.16 -16.53
C MET B 264 -7.91 3.21 -17.62
N VAL B 265 -8.31 1.99 -17.26
CA VAL B 265 -8.69 0.98 -18.25
C VAL B 265 -10.04 1.35 -18.85
N GLY B 266 -10.08 1.48 -20.18
CA GLY B 266 -11.32 1.76 -20.87
C GLY B 266 -11.83 3.17 -20.72
N LYS B 267 -10.95 4.13 -20.42
CA LYS B 267 -11.35 5.51 -20.21
C LYS B 267 -11.21 6.36 -21.46
N ILE B 268 -10.07 6.28 -22.15
CA ILE B 268 -9.85 7.08 -23.34
C ILE B 268 -10.73 6.53 -24.46
N LYS B 269 -11.71 7.32 -24.90
CA LYS B 269 -12.61 6.95 -25.98
C LYS B 269 -12.68 8.09 -26.98
N ARG B 270 -12.93 7.74 -28.24
CA ARG B 270 -12.98 8.74 -29.29
C ARG B 270 -14.18 9.65 -29.11
N LEU B 271 -13.93 10.96 -29.13
CA LEU B 271 -14.95 11.99 -28.99
C LEU B 271 -15.08 12.75 -30.31
N LYS B 272 -15.93 13.77 -30.33
CA LYS B 272 -16.15 14.59 -31.52
C LYS B 272 -15.02 15.59 -31.69
N LYS B 273 -15.00 16.22 -32.87
CA LYS B 273 -13.96 17.21 -33.15
C LYS B 273 -14.08 18.42 -32.23
N SER B 274 -15.30 18.86 -31.95
CA SER B 274 -15.48 19.92 -30.95
C SER B 274 -15.04 19.43 -29.57
N ALA B 275 -15.39 18.20 -29.23
CA ALA B 275 -14.93 17.63 -27.96
C ALA B 275 -13.41 17.51 -27.93
N PHE B 276 -12.80 17.11 -29.04
CA PHE B 276 -11.34 17.01 -29.07
C PHE B 276 -10.68 18.38 -28.93
N VAL B 277 -11.24 19.42 -29.56
CA VAL B 277 -10.60 20.73 -29.47
C VAL B 277 -10.79 21.33 -28.08
N VAL B 278 -11.94 21.11 -27.43
CA VAL B 278 -12.09 21.60 -26.07
C VAL B 278 -11.18 20.81 -25.12
N LEU B 279 -10.99 19.51 -25.39
CA LEU B 279 -10.00 18.76 -24.63
C LEU B 279 -8.61 19.35 -24.80
N ILE B 280 -8.24 19.69 -26.03
CA ILE B 280 -6.91 20.27 -26.27
C ILE B 280 -6.78 21.60 -25.54
N LEU B 281 -7.81 22.45 -25.61
CA LEU B 281 -7.76 23.74 -24.92
C LEU B 281 -7.64 23.57 -23.41
N LEU B 282 -8.41 22.64 -22.84
CA LEU B 282 -8.39 22.43 -21.40
C LEU B 282 -7.05 21.87 -20.94
N ILE B 283 -6.52 20.88 -21.67
CA ILE B 283 -5.25 20.28 -21.29
C ILE B 283 -4.11 21.28 -21.45
N THR B 284 -4.16 22.12 -22.49
CA THR B 284 -3.16 23.17 -22.61
C THR B 284 -3.28 24.17 -21.47
N ALA B 285 -4.50 24.59 -21.13
CA ALA B 285 -4.67 25.50 -19.99
C ALA B 285 -4.14 24.90 -18.70
N LYS B 286 -4.28 23.58 -18.53
CA LYS B 286 -3.76 22.89 -17.36
C LYS B 286 -2.25 22.80 -17.34
N LEU B 287 -1.62 22.41 -18.45
CA LEU B 287 -0.22 21.99 -18.45
C LEU B 287 0.76 23.02 -19.00
N LEU B 288 0.29 24.05 -19.72
CA LEU B 288 1.18 25.10 -20.19
C LEU B 288 0.76 26.45 -19.61
N VAL B 289 -0.52 26.77 -19.72
CA VAL B 289 -1.01 28.07 -19.26
C VAL B 289 -0.92 28.17 -17.75
N LEU B 290 -1.40 27.15 -17.03
CA LEU B 290 -1.33 27.17 -15.57
C LEU B 290 0.10 27.23 -15.06
N PRO B 291 1.05 26.41 -15.54
CA PRO B 291 2.45 26.60 -15.10
C PRO B 291 3.01 27.97 -15.42
N LEU B 292 2.69 28.53 -16.58
CA LEU B 292 3.21 29.85 -16.94
C LEU B 292 2.66 30.92 -16.01
N LEU B 293 1.35 30.89 -15.75
CA LEU B 293 0.75 31.85 -14.83
C LEU B 293 1.30 31.68 -13.42
N CYS B 294 1.50 30.43 -12.99
CA CYS B 294 2.10 30.21 -11.67
C CYS B 294 3.50 30.81 -11.61
N ARG B 295 4.29 30.63 -12.67
CA ARG B 295 5.61 31.23 -12.72
C ARG B 295 5.54 32.75 -12.67
N GLU B 296 4.53 33.34 -13.32
CA GLU B 296 4.38 34.78 -13.30
C GLU B 296 4.02 35.29 -11.90
N MET B 297 3.08 34.64 -11.22
CA MET B 297 2.72 35.08 -9.87
C MET B 297 3.86 34.84 -8.89
N VAL B 298 4.69 33.83 -9.14
CA VAL B 298 5.92 33.70 -8.34
C VAL B 298 6.93 34.80 -8.66
N GLU B 299 7.04 35.20 -9.92
CA GLU B 299 7.90 36.32 -10.28
C GLU B 299 7.47 37.61 -9.58
N LEU B 300 6.17 37.86 -9.53
CA LEU B 300 5.67 39.11 -8.95
C LEU B 300 5.60 39.04 -7.42
N LEU B 301 4.79 38.13 -6.88
CA LEU B 301 4.52 38.07 -5.44
C LEU B 301 5.51 37.19 -4.71
N ASP B 302 6.80 37.50 -4.82
CA ASP B 302 7.82 36.81 -4.06
C ASP B 302 9.06 37.67 -4.02
N LYS B 303 9.47 38.05 -2.81
CA LYS B 303 10.71 38.80 -2.59
C LYS B 303 11.70 37.85 -1.92
N GLY B 304 12.81 37.59 -2.60
CA GLY B 304 13.82 36.68 -2.09
C GLY B 304 15.18 37.34 -2.04
N ASP B 305 15.93 37.00 -0.99
CA ASP B 305 17.28 37.54 -0.84
C ASP B 305 18.19 37.06 -1.97
N SER B 306 18.02 35.80 -2.38
CA SER B 306 18.86 35.20 -3.41
C SER B 306 18.07 35.09 -4.70
N VAL B 307 18.76 35.33 -5.83
CA VAL B 307 18.16 35.04 -7.13
C VAL B 307 17.91 33.54 -7.26
N VAL B 308 18.83 32.73 -6.72
CA VAL B 308 18.83 31.29 -7.00
C VAL B 308 17.60 30.61 -6.40
N ASN B 309 17.29 30.91 -5.14
CA ASN B 309 16.16 30.24 -4.49
C ASN B 309 14.84 30.64 -5.14
N HIS B 310 14.69 31.93 -5.48
CA HIS B 310 13.48 32.37 -6.17
C HIS B 310 13.36 31.69 -7.53
N THR B 311 14.48 31.56 -8.25
CA THR B 311 14.45 30.88 -9.54
C THR B 311 14.03 29.42 -9.38
N SER B 312 14.58 28.73 -8.40
CA SER B 312 14.23 27.33 -8.16
C SER B 312 12.76 27.20 -7.75
N LEU B 313 12.28 28.13 -6.95
CA LEU B 313 10.90 28.04 -6.47
C LEU B 313 9.92 28.36 -7.60
N SER B 314 10.31 29.26 -8.52
CA SER B 314 9.51 29.50 -9.71
C SER B 314 9.53 28.29 -10.64
N ASN B 315 10.67 27.60 -10.72
CA ASN B 315 10.70 26.35 -11.47
C ASN B 315 9.78 25.31 -10.87
N TYR B 316 9.73 25.24 -9.54
CA TYR B 316 8.77 24.37 -8.86
C TYR B 316 7.34 24.76 -9.21
N ALA B 317 7.04 26.06 -9.16
CA ALA B 317 5.70 26.53 -9.50
C ALA B 317 5.35 26.21 -10.95
N PHE B 318 6.33 26.23 -11.84
CA PHE B 318 6.12 25.74 -13.20
C PHE B 318 5.81 24.25 -13.19
N LEU B 319 6.55 23.48 -12.38
CA LEU B 319 6.29 22.05 -12.27
C LEU B 319 4.90 21.79 -11.70
N TYR B 320 4.50 22.55 -10.69
CA TYR B 320 3.13 22.46 -10.16
C TYR B 320 2.20 23.10 -11.18
N GLY B 321 1.49 22.27 -11.92
CA GLY B 321 0.68 22.72 -13.04
C GLY B 321 0.97 21.84 -14.22
N VAL B 322 2.23 21.43 -14.35
CA VAL B 322 2.56 20.32 -15.23
C VAL B 322 1.98 19.02 -14.68
N PHE B 323 1.69 18.98 -13.38
CA PHE B 323 1.04 17.82 -12.79
C PHE B 323 -0.29 17.56 -13.50
N PRO B 324 -0.62 16.32 -13.81
CA PRO B 324 -1.86 16.03 -14.55
C PRO B 324 -3.08 16.32 -13.70
N VAL B 325 -4.24 16.29 -14.37
CA VAL B 325 -5.50 16.52 -13.69
C VAL B 325 -5.73 15.41 -12.66
N ALA B 326 -6.11 15.80 -11.45
CA ALA B 326 -6.31 14.83 -10.39
C ALA B 326 -7.49 13.93 -10.72
N PRO B 327 -7.43 12.64 -10.38
CA PRO B 327 -8.61 11.78 -10.53
C PRO B 327 -9.77 12.22 -9.65
N GLY B 328 -9.51 13.01 -8.61
CA GLY B 328 -10.59 13.54 -7.81
C GLY B 328 -11.54 14.40 -8.62
N VAL B 329 -11.03 15.09 -9.64
CA VAL B 329 -11.89 15.87 -10.53
C VAL B 329 -12.85 14.95 -11.28
N ALA B 330 -12.33 13.81 -11.76
CA ALA B 330 -13.20 12.83 -12.41
C ALA B 330 -14.22 12.25 -11.44
N ILE B 331 -13.81 12.04 -10.18
CA ILE B 331 -14.76 11.58 -9.17
C ILE B 331 -15.86 12.61 -8.95
N PHE B 332 -15.49 13.90 -8.92
CA PHE B 332 -16.49 14.96 -8.78
C PHE B 332 -17.45 14.96 -9.96
N ALA B 333 -16.90 14.79 -11.17
CA ALA B 333 -17.75 14.75 -12.36
C ALA B 333 -18.71 13.57 -12.32
N THR B 334 -18.23 12.41 -11.86
CA THR B 334 -19.10 11.25 -11.70
C THR B 334 -20.18 11.50 -10.66
N GLN B 335 -19.82 12.17 -9.55
CA GLN B 335 -20.79 12.48 -8.52
C GLN B 335 -21.88 13.40 -9.04
N PHE B 336 -21.50 14.42 -9.80
CA PHE B 336 -22.46 15.36 -10.38
C PHE B 336 -23.10 14.85 -11.67
N ASN B 337 -22.41 13.97 -12.40
CA ASN B 337 -22.94 13.29 -13.59
C ASN B 337 -23.43 14.30 -14.64
N MET B 338 -22.51 15.17 -15.06
CA MET B 338 -22.74 16.07 -16.20
C MET B 338 -21.78 15.76 -17.34
N GLU B 339 -20.47 15.73 -17.06
CA GLU B 339 -19.45 15.43 -18.07
C GLU B 339 -18.53 14.35 -17.51
N VAL B 340 -18.91 13.09 -17.72
CA VAL B 340 -18.10 11.95 -17.31
C VAL B 340 -17.27 11.41 -18.48
N GLU B 341 -17.32 12.07 -19.63
CA GLU B 341 -16.50 11.71 -20.77
C GLU B 341 -15.50 12.79 -21.16
N ILE B 342 -15.76 14.05 -20.79
CA ILE B 342 -14.86 15.15 -21.08
C ILE B 342 -13.79 15.30 -20.01
N ILE B 343 -14.18 15.21 -18.74
CA ILE B 343 -13.22 15.32 -17.65
C ILE B 343 -12.35 14.07 -17.58
N THR B 344 -12.97 12.89 -17.66
CA THR B 344 -12.24 11.64 -17.48
C THR B 344 -11.21 11.42 -18.59
N SER B 345 -11.60 11.69 -19.84
CA SER B 345 -10.67 11.52 -20.94
C SER B 345 -9.49 12.49 -20.82
N GLY B 346 -9.76 13.74 -20.48
CA GLY B 346 -8.69 14.70 -20.27
C GLY B 346 -7.84 14.40 -19.04
N MET B 347 -8.41 13.73 -18.04
CA MET B 347 -7.62 13.29 -16.89
C MET B 347 -6.59 12.24 -17.30
N VAL B 348 -7.00 11.28 -18.12
CA VAL B 348 -6.09 10.24 -18.57
C VAL B 348 -5.05 10.79 -19.54
N ILE B 349 -5.51 11.63 -20.49
CA ILE B 349 -4.60 12.17 -21.50
C ILE B 349 -3.56 13.07 -20.86
N SER B 350 -3.97 13.92 -19.91
CA SER B 350 -3.02 14.82 -19.28
C SER B 350 -1.93 14.07 -18.53
N THR B 351 -2.21 12.85 -18.08
CA THR B 351 -1.18 12.04 -17.46
C THR B 351 -0.10 11.65 -18.47
N PHE B 352 -0.50 11.25 -19.67
CA PHE B 352 0.47 10.88 -20.71
C PHE B 352 1.11 12.09 -21.36
N VAL B 353 0.59 13.28 -21.15
CA VAL B 353 1.24 14.48 -21.65
C VAL B 353 2.11 15.13 -20.58
N SER B 354 1.77 14.95 -19.30
CA SER B 354 2.57 15.52 -18.23
C SER B 354 3.96 14.92 -18.19
N ALA B 355 4.10 13.62 -18.46
CA ALA B 355 5.41 12.98 -18.41
C ALA B 355 6.38 13.57 -19.43
N PRO B 356 6.03 13.71 -20.72
CA PRO B 356 6.96 14.41 -21.62
C PRO B 356 7.18 15.86 -21.25
N ILE B 357 6.11 16.56 -20.84
CA ILE B 357 6.23 17.99 -20.56
C ILE B 357 7.13 18.23 -19.35
N MET B 358 6.90 17.49 -18.27
CA MET B 358 7.74 17.65 -17.08
C MET B 358 9.19 17.31 -17.38
N TYR B 359 9.41 16.26 -18.18
CA TYR B 359 10.78 15.92 -18.59
C TYR B 359 11.37 17.03 -19.43
N VAL B 360 10.64 17.49 -20.44
CA VAL B 360 11.13 18.56 -21.31
C VAL B 360 11.31 19.85 -20.52
N SER B 361 10.32 20.20 -19.69
CA SER B 361 10.38 21.45 -18.95
C SER B 361 11.56 21.46 -17.99
N ALA B 362 11.79 20.35 -17.28
CA ALA B 362 12.91 20.29 -16.35
C ALA B 362 14.24 20.35 -17.09
N TRP B 363 14.34 19.70 -18.24
CA TRP B 363 15.53 19.84 -19.07
C TRP B 363 15.70 21.28 -19.53
N LEU B 364 14.64 21.89 -20.03
CA LEU B 364 14.71 23.28 -20.48
C LEU B 364 14.94 24.25 -19.32
N LEU B 365 14.53 23.89 -18.11
CA LEU B 365 14.77 24.72 -16.94
C LEU B 365 16.12 24.45 -16.28
N THR B 366 16.82 23.41 -16.71
CA THR B 366 18.16 23.12 -16.19
C THR B 366 19.27 23.33 -17.22
N PHE B 367 18.93 23.48 -18.50
CA PHE B 367 19.95 23.79 -19.50
C PHE B 367 20.66 25.11 -19.24
N PRO B 368 20.00 26.23 -18.92
CA PRO B 368 20.77 27.43 -18.64
C PRO B 368 21.56 27.35 -17.33
P 3PE C . -9.47 -40.50 19.10
N 3PE C . -8.14 -44.35 16.79
O11 3PE C . -10.22 -40.07 17.71
O12 3PE C . -8.04 -40.16 18.90
O13 3PE C . -9.66 -42.15 19.08
O14 3PE C . -10.28 -40.05 20.28
C11 3PE C . -8.56 -42.98 18.80
C12 3PE C . -8.31 -42.98 17.32
C1 3PE C . -9.84 -38.90 17.03
C2 3PE C . -10.07 -37.69 17.94
C3 3PE C . -8.76 -37.06 18.35
O31 3PE C . -9.06 -35.89 19.13
O32 3PE C . -8.70 -35.46 21.28
C31 3PE C . -8.27 -35.62 20.16
C32 3PE C . -6.84 -35.53 19.74
C33 3PE C . -5.85 -35.81 20.87
C34 3PE C . -4.41 -35.67 20.39
C35 3PE C . -3.39 -35.74 21.52
C36 3PE C . -1.99 -35.37 21.07
C37 3PE C . -0.89 -35.96 21.95
C38 3PE C . -1.07 -37.45 22.17
C39 3PE C . 0.10 -38.14 22.85
C3A 3PE C . -0.06 -39.65 22.93
C3B 3PE C . -0.29 -40.32 21.58
C3C 3PE C . -0.14 -41.83 21.64
C3D 3PE C . 1.21 -42.29 22.20
C3E 3PE C . 2.39 -41.86 21.34
C3F 3PE C . 2.66 -42.78 20.15
C3G 3PE C . 4.00 -42.50 19.48
C3H 3PE C . 4.37 -43.53 18.43
C3I 3PE C . 5.76 -43.30 17.84
O21 3PE C . -10.83 -36.63 17.32
O22 3PE C . -11.82 -37.14 15.39
C21 3PE C . -10.99 -36.52 16.02
C22 3PE C . -10.05 -35.50 15.42
C23 3PE C . -8.78 -36.08 14.83
C24 3PE C . -7.71 -35.00 14.66
C25 3PE C . -6.53 -35.18 15.60
C26 3PE C . -5.43 -34.14 15.39
C27 3PE C . -4.18 -34.42 16.20
C28 3PE C . -3.24 -33.22 16.28
C29 3PE C . -2.02 -33.47 17.16
C2A 3PE C . -1.36 -32.20 17.67
C2B 3PE C . -0.13 -32.46 18.52
C2C 3PE C . 0.47 -31.20 19.14
C2D 3PE C . 1.88 -31.41 19.68
C2E 3PE C . 2.02 -32.67 20.52
C2F 3PE C . 3.47 -33.06 20.81
C2G 3PE C . 4.14 -32.16 21.83
C2H 3PE C . 5.58 -32.55 22.11
C2I 3PE C . 6.50 -32.38 20.91
C1 CDL D . -1.55 -16.83 -10.40
O1 CDL D . -0.53 -16.92 -11.41
CA2 CDL D . -1.67 -18.15 -9.69
OA2 CDL D . -0.81 -19.14 -10.31
PA1 CDL D . -1.34 -20.10 -11.44
OA3 CDL D . -1.80 -21.40 -10.78
OA4 CDL D . -2.35 -19.43 -12.29
OA5 CDL D . -0.02 -20.40 -12.24
CA3 CDL D . 0.37 -19.59 -13.38
CA4 CDL D . 1.61 -18.85 -13.00
OA6 CDL D . 2.25 -18.37 -14.24
CA5 CDL D . 1.63 -17.38 -14.90
OA7 CDL D . 1.05 -17.53 -15.95
C11 CDL D . 1.77 -16.07 -14.18
C12 CDL D . 3.21 -15.68 -13.90
C13 CDL D . 3.94 -15.18 -15.13
C14 CDL D . 5.39 -15.60 -15.20
C15 CDL D . 6.14 -15.45 -13.89
C16 CDL D . 7.61 -15.10 -14.05
C17 CDL D . 7.88 -13.65 -14.40
C18 CDL D . 6.93 -12.67 -13.75
C19 CDL D . 7.46 -12.05 -12.46
C20 CDL D . 7.69 -10.54 -12.56
C21 CDL D . 9.01 -10.17 -13.22
C22 CDL D . 10.20 -10.97 -12.74
C23 CDL D . 11.54 -10.39 -13.16
C24 CDL D . 11.77 -10.44 -14.66
C25 CDL D . 12.94 -9.58 -15.13
C26 CDL D . 13.09 -9.51 -16.63
C27 CDL D . 11.77 -9.40 -17.37
CA6 CDL D . 2.61 -19.73 -12.29
OA8 CDL D . 3.93 -19.19 -12.51
CA7 CDL D . 4.77 -19.91 -13.27
OA9 CDL D . 4.53 -21.02 -13.64
C31 CDL D . 6.02 -19.14 -13.58
C32 CDL D . 7.15 -19.42 -12.59
C33 CDL D . 7.64 -20.86 -12.64
C34 CDL D . 9.03 -21.06 -12.09
C35 CDL D . 9.99 -19.92 -12.37
C36 CDL D . 11.34 -20.07 -11.69
C37 CDL D . 12.53 -19.89 -12.62
C38 CDL D . 13.86 -20.20 -11.97
C39 CDL D . 15.07 -19.68 -12.74
C40 CDL D . 16.41 -19.95 -12.06
C41 CDL D . 16.34 -19.98 -10.55
C42 CDL D . 17.46 -20.78 -9.90
C43 CDL D . 16.99 -21.88 -8.99
C44 CDL D . 16.40 -23.08 -9.72
C45 CDL D . 15.44 -23.91 -8.89
C46 CDL D . 16.10 -25.09 -8.19
C47 CDL D . 15.63 -25.29 -6.78
CB2 CDL D . -2.84 -16.37 -11.05
OB2 CDL D . -2.91 -14.93 -11.05
PB2 CDL D . -3.93 -14.15 -11.97
OB3 CDL D . -4.96 -15.16 -12.48
OB4 CDL D . -4.48 -12.98 -11.27
OB5 CDL D . -3.01 -13.72 -13.18
CB3 CDL D . -1.93 -12.79 -13.02
CB4 CDL D . -0.64 -13.52 -13.30
OB6 CDL D . -0.29 -14.30 -12.11
CB5 CDL D . 0.41 -13.69 -11.14
OB7 CDL D . 0.08 -12.67 -10.60
C51 CDL D . 1.66 -14.47 -10.80
C52 CDL D . 2.17 -14.19 -9.40
C53 CDL D . 3.05 -12.96 -9.32
C54 CDL D . 3.93 -12.75 -10.54
C55 CDL D . 4.08 -11.29 -10.95
C56 CDL D . 2.80 -10.65 -11.46
C57 CDL D . 2.97 -9.22 -11.94
C58 CDL D . 4.42 -8.78 -12.12
C59 CDL D . 4.65 -7.30 -11.92
C60 CDL D . 4.96 -6.92 -10.48
C61 CDL D . 6.01 -7.80 -9.82
C62 CDL D . 7.35 -7.11 -9.61
C63 CDL D . 8.39 -7.49 -10.63
C64 CDL D . 9.74 -7.85 -10.05
C65 CDL D . 10.93 -7.43 -10.90
C66 CDL D . 10.57 -6.83 -12.25
C67 CDL D . 11.54 -5.78 -12.71
CB6 CDL D . 0.49 -12.59 -13.64
OB8 CDL D . 0.35 -12.17 -15.01
CB7 CDL D . 1.26 -11.30 -15.47
OB9 CDL D . 2.27 -11.03 -14.87
C71 CDL D . 0.86 -10.72 -16.79
C72 CDL D . 0.25 -9.33 -16.68
C73 CDL D . -0.47 -9.08 -15.37
C74 CDL D . 0.30 -8.23 -14.38
C75 CDL D . 0.39 -6.77 -14.74
C76 CDL D . 1.80 -6.21 -14.80
C77 CDL D . 2.86 -7.23 -15.15
C78 CDL D . 4.04 -6.68 -15.93
C79 CDL D . 4.56 -5.35 -15.40
C80 CDL D . 6.07 -5.21 -15.47
C81 CDL D . 6.61 -3.94 -14.87
C82 CDL D . 6.18 -2.67 -15.58
C83 CDL D . 7.31 -1.72 -15.89
C84 CDL D . 8.25 -1.48 -14.73
C85 CDL D . 9.60 -0.92 -15.11
C86 CDL D . 9.67 0.59 -15.13
C87 CDL D . 10.65 1.15 -14.13
P 3PE E . 29.99 -22.89 7.90
N 3PE E . 27.04 -19.63 10.06
O11 3PE E . 30.64 -22.01 6.67
O12 3PE E . 29.69 -24.22 7.30
O13 3PE E . 28.58 -22.07 8.18
O14 3PE E . 30.79 -22.71 9.14
C11 3PE E . 28.23 -21.73 9.50
C12 3PE E . 26.91 -20.99 9.46
C1 3PE E . 29.83 -21.10 5.97
C2 3PE E . 29.30 -21.77 4.70
C3 3PE E . 28.03 -22.53 4.97
O31 3PE E . 28.15 -23.82 4.35
O32 3PE E . 26.15 -24.52 5.02
C31 3PE E . 27.05 -24.56 4.23
C32 3PE E . 27.11 -25.40 2.98
C33 3PE E . 27.48 -24.63 1.71
C34 3PE E . 26.66 -23.35 1.56
C35 3PE E . 25.28 -23.57 0.93
C36 3PE E . 24.17 -23.57 1.97
C37 3PE E . 22.82 -23.13 1.40
C38 3PE E . 22.31 -24.04 0.29
C39 3PE E . 20.88 -23.71 -0.13
C3A 3PE E . 19.92 -23.69 1.05
C3B 3PE E . 19.68 -25.06 1.66
C3C 3PE E . 19.13 -25.00 3.08
C3D 3PE E . 18.77 -26.36 3.66
C3E 3PE E . 17.70 -27.07 2.87
C3F 3PE E . 17.56 -28.54 3.22
C3G 3PE E . 16.62 -29.30 2.29
C3H 3PE E . 16.77 -30.81 2.36
C3I 3PE E . 18.18 -31.27 2.03
O21 3PE E . 28.96 -20.82 3.69
O22 3PE E . 29.88 -21.99 2.03
C21 3PE E . 29.19 -21.06 2.41
C22 3PE E . 28.52 -20.07 1.51
C23 3PE E . 28.88 -20.23 0.04
C24 3PE E . 27.64 -20.12 -0.85
C25 3PE E . 27.00 -18.74 -0.82
C26 3PE E . 25.97 -18.54 -1.93
C27 3PE E . 24.81 -19.53 -1.88
C28 3PE E . 23.75 -19.25 -2.93
C29 3PE E . 22.85 -20.44 -3.23
C2A 3PE E . 21.77 -20.67 -2.18
C2B 3PE E . 20.57 -19.74 -2.34
C2C 3PE E . 19.30 -20.29 -1.69
C2D 3PE E . 18.80 -21.58 -2.34
C2E 3PE E . 17.75 -22.30 -1.52
C2F 3PE E . 17.48 -23.73 -1.98
C2G 3PE E . 16.88 -24.61 -0.90
C2H 3PE E . 16.26 -25.89 -1.44
C2I 3PE E . 15.50 -26.69 -0.39
P 3PE F . -20.84 -2.59 13.17
N 3PE F . -22.52 0.25 13.40
O11 3PE F . -19.26 -2.74 13.60
O12 3PE F . -21.52 -1.97 14.34
O13 3PE F . -20.74 -1.50 11.93
O14 3PE F . -21.31 -3.86 12.52
C11 3PE F . -20.38 -0.16 12.21
C12 3PE F . -21.65 0.67 12.27
C1 3PE F . -18.93 -2.86 14.97
C2 3PE F . -17.42 -2.85 15.12
C3 3PE F . -16.84 -1.47 14.92
O31 3PE F . -17.89 -0.52 15.08
O32 3PE F . -17.46 0.81 13.34
C31 3PE F . -17.76 0.67 14.50
C32 3PE F . -18.02 1.79 15.47
C33 3PE F . -17.19 1.71 16.74
C34 3PE F . -15.70 1.67 16.44
C35 3PE F . -15.13 2.99 15.95
C36 3PE F . -13.61 3.04 15.99
C37 3PE F . -13.02 2.85 17.38
C38 3PE F . -12.28 1.53 17.54
C39 3PE F . -12.18 1.03 18.98
C3A 3PE F . -11.99 -0.48 19.05
C3B 3PE F . -11.50 -0.99 20.40
C3C 3PE F . -11.02 -2.44 20.33
C3D 3PE F . -10.48 -2.97 21.64
C3E 3PE F . -9.86 -4.36 21.50
C3F 3PE F . -10.72 -5.32 20.68
C3G 3PE F . -10.21 -6.76 20.73
C3H 3PE F . -10.28 -7.37 22.12
C3I 3PE F . -11.69 -7.38 22.70
O21 3PE F . -17.00 -3.24 16.44
O22 3PE F . -16.51 -5.41 16.55
C21 3PE F . -16.17 -4.25 16.61
C22 3PE F . -14.77 -3.78 16.89
C23 3PE F . -13.72 -4.87 16.88
C24 3PE F . -13.69 -5.64 18.20
C25 3PE F . -13.04 -7.00 18.08
C26 3PE F . -11.85 -7.01 17.14
C27 3PE F . -11.09 -8.34 17.11
C28 3PE F . -10.10 -8.43 15.96
C29 3PE F . -9.32 -7.14 15.71
C2A 3PE F . -7.83 -7.35 15.53
C2B 3PE F . -7.10 -7.69 16.83
C2C 3PE F . -7.31 -6.65 17.93
C2D 3PE F . -6.86 -5.25 17.54
C2E 3PE F . -7.32 -4.18 18.52
C2F 3PE F . -6.54 -4.19 19.83
C2G 3PE F . -5.10 -3.74 19.67
C2H 3PE F . -4.98 -2.36 19.02
C2I 3PE F . -3.66 -2.18 18.27
P 3PE G . -20.51 21.30 -27.63
N 3PE G . -21.76 18.53 -29.03
O11 3PE G . -21.17 22.67 -26.99
O12 3PE G . -21.05 20.19 -26.81
O13 3PE G . -21.21 21.27 -29.13
O14 3PE G . -19.06 21.50 -27.90
C11 3PE G . -22.55 20.87 -29.27
C12 3PE G . -22.57 19.47 -29.84
C1 3PE G . -21.12 23.87 -27.73
C2 3PE G . -19.82 24.61 -27.41
C3 3PE G . -19.87 26.03 -27.90
O31 3PE G . -19.26 26.05 -29.20
O32 3PE G . -17.84 27.77 -29.07
C31 3PE G . -18.05 26.61 -29.31
C32 3PE G . -17.04 25.60 -29.76
C33 3PE G . -15.59 26.09 -29.68
C34 3PE G . -15.10 26.14 -28.24
C35 3PE G . -13.93 27.09 -28.05
C36 3PE G . -14.32 28.56 -28.21
C37 3PE G . -13.14 29.51 -28.29
C38 3PE G . -13.57 30.98 -28.35
C39 3PE G . -12.43 31.94 -28.62
C3A 3PE G . -12.85 33.40 -28.50
C3B 3PE G . -13.41 33.76 -27.13
C3C 3PE G . -13.91 35.21 -27.05
C3D 3PE G . -12.79 36.24 -26.90
C3E 3PE G . -12.75 36.87 -25.51
C3F 3PE G . -13.98 37.70 -25.18
C3G 3PE G . -13.90 38.39 -23.82
C3H 3PE G . -15.10 39.28 -23.52
C3I 3PE G . -14.98 40.01 -22.18
O21 3PE G . -19.59 24.71 -26.00
O22 3PE G . -19.21 22.84 -24.84
C21 3PE G . -18.81 23.85 -25.38
C22 3PE G . -17.36 24.28 -25.41
C23 3PE G . -17.09 25.59 -24.69
C24 3PE G . -15.60 25.79 -24.43
C25 3PE G . -15.20 25.49 -23.00
C26 3PE G . -13.74 25.80 -22.71
C27 3PE G . -13.38 27.27 -22.90
C28 3PE G . -12.03 27.63 -22.29
C29 3PE G . -10.93 26.66 -22.67
C2A 3PE G . -9.59 26.99 -22.01
C2B 3PE G . -8.90 28.21 -22.62
C2C 3PE G . -7.48 28.42 -22.07
C2D 3PE G . -6.76 29.60 -22.69
C2E 3PE G . -7.53 30.91 -22.58
C2F 3PE G . -6.64 32.15 -22.67
C2G 3PE G . -5.63 32.24 -21.54
C2H 3PE G . -5.05 33.64 -21.36
C2I 3PE G . -4.20 33.78 -20.10
C1 CDL H . -17.57 8.81 3.02
O1 CDL H . -17.62 9.36 4.34
CA2 CDL H . -18.08 9.84 2.04
OA2 CDL H . -18.58 10.99 2.73
PA1 CDL H . -20.10 11.13 3.13
OA3 CDL H . -20.78 12.01 2.09
OA4 CDL H . -20.72 9.80 3.34
OA5 CDL H . -20.00 11.94 4.48
CA3 CDL H . -20.03 11.27 5.76
CA4 CDL H . -18.76 11.60 6.48
OA6 CDL H . -18.95 11.35 7.91
CA5 CDL H . -18.92 10.06 8.31
OA7 CDL H . -19.85 9.50 8.82
C11 CDL H . -17.59 9.43 8.04
C12 CDL H . -16.43 10.09 8.79
C13 CDL H . -16.50 9.85 10.29
C14 CDL H . -16.01 11.02 11.12
C15 CDL H . -14.77 11.69 10.57
C16 CDL H . -13.91 12.37 11.63
C17 CDL H . -13.04 11.43 12.44
C18 CDL H . -12.53 10.22 11.68
C19 CDL H . -11.18 10.41 11.02
C20 CDL H . -10.09 9.53 11.60
C21 CDL H . -9.67 9.91 13.00
C22 CDL H . -9.29 11.38 13.16
C23 CDL H . -8.46 11.67 14.39
C24 CDL H . -9.21 11.50 15.69
C25 CDL H . -8.33 11.44 16.93
C26 CDL H . -9.08 11.12 18.21
C27 CDL H . -10.16 10.08 18.04
CA6 CDL H . -18.38 13.05 6.33
OA8 CDL H . -17.49 13.41 7.39
CA7 CDL H . -17.95 14.27 8.31
OA9 CDL H . -19.03 14.80 8.24
C31 CDL H . -16.97 14.45 9.44
C32 CDL H . -16.02 15.63 9.21
C33 CDL H . -16.74 16.96 9.14
C34 CDL H . -15.87 18.16 9.48
C35 CDL H . -14.81 17.88 10.53
C36 CDL H . -13.85 19.03 10.75
C37 CDL H . -13.66 19.42 12.21
C38 CDL H . -12.77 20.63 12.41
C39 CDL H . -12.32 20.84 13.84
C40 CDL H . -11.44 22.06 14.05
C41 CDL H . -10.56 22.41 12.85
C42 CDL H . -10.14 23.87 12.80
C43 CDL H . -10.55 24.59 11.53
C44 CDL H . -12.04 24.89 11.45
C45 CDL H . -12.54 25.09 10.03
C46 CDL H . -12.57 26.55 9.58
C47 CDL H . -12.09 26.74 8.16
CB2 CDL H . -18.32 7.51 2.99
OB2 CDL H . -17.43 6.40 3.22
PB2 CDL H . -17.97 4.95 3.52
OB3 CDL H . -19.43 4.88 3.08
OB4 CDL H . -17.08 3.92 2.92
OB5 CDL H . -17.91 4.89 5.09
CB3 CDL H . -16.66 4.99 5.81
CB4 CDL H . -16.67 6.28 6.57
OB6 CDL H . -16.24 7.34 5.66
CB5 CDL H . -14.92 7.58 5.54
OB7 CDL H . -14.11 6.74 5.25
C51 CDL H . -14.60 9.03 5.79
C52 CDL H . -13.36 9.51 5.06
C53 CDL H . -12.07 9.22 5.81
C54 CDL H . -12.22 9.25 7.32
C55 CDL H . -11.45 8.16 8.04
C56 CDL H . -12.04 6.78 7.89
C57 CDL H . -11.34 5.70 8.71
C58 CDL H . -10.43 6.23 9.79
C59 CDL H . -9.25 5.35 10.12
C60 CDL H . -8.02 5.62 9.28
C61 CDL H . -7.66 7.09 9.17
C62 CDL H . -6.41 7.48 9.95
C63 CDL H . -6.69 8.18 11.26
C64 CDL H . -5.89 9.45 11.48
C65 CDL H . -5.52 9.71 12.93
C66 CDL H . -6.13 8.73 13.93
C67 CDL H . -5.26 8.51 15.14
CB6 CDL H . -15.76 6.25 7.77
OB8 CDL H . -16.33 5.38 8.76
CB7 CDL H . -15.63 5.20 9.89
OB9 CDL H . -14.63 5.80 10.15
C71 CDL H . -16.27 4.16 10.77
C72 CDL H . -15.57 2.82 10.70
C73 CDL H . -14.96 2.52 9.35
C74 CDL H . -13.46 2.67 9.28
C75 CDL H . -12.68 1.56 9.97
C76 CDL H . -11.70 2.03 11.03
C77 CDL H . -12.03 3.38 11.64
C78 CDL H . -11.49 3.57 13.05
C79 CDL H . -10.06 3.09 13.24
C80 CDL H . -9.27 3.87 14.26
C81 CDL H . -7.83 3.41 14.42
C82 CDL H . -7.67 2.03 15.03
C83 CDL H . -6.67 1.97 16.15
C84 CDL H . -5.36 2.68 15.85
C85 CDL H . -4.55 3.05 17.08
C86 CDL H . -3.55 2.00 17.50
C87 CDL H . -2.12 2.48 17.46
P 3PE I . 5.24 37.78 5.75
N 3PE I . 7.02 34.02 3.15
O11 3PE I . 5.41 37.24 7.30
O12 3PE I . 3.89 38.42 5.71
O13 3PE I . 5.21 36.35 4.92
O14 3PE I . 6.49 38.45 5.30
C11 3PE I . 6.01 36.18 3.77
C12 3PE I . 5.76 34.81 3.21
C1 3PE I . 5.16 35.89 7.59
C2 3PE I . 3.74 35.75 8.12
C3 3PE I . 2.75 35.59 6.97
O31 3PE I . 1.64 36.43 7.23
O32 3PE I . 0.55 35.82 5.38
C31 3PE I . 0.53 36.23 6.52
C32 3PE I . -0.70 36.57 7.30
C33 3PE I . -0.77 35.92 8.67
C34 3PE I . -0.44 34.42 8.62
C35 3PE I . -1.63 33.55 8.27
C36 3PE I . -1.66 33.15 6.80
C37 3PE I . -2.33 31.81 6.53
C38 3PE I . -3.80 31.78 6.90
C39 3PE I . -4.51 30.51 6.46
C3A 3PE I . -4.31 30.21 4.98
C3B 3PE I . -4.96 31.22 4.07
C3C 3PE I . -4.40 31.20 2.64
C3D 3PE I . -5.14 32.13 1.71
C3E 3PE I . -6.65 31.97 1.81
C3F 3PE I . -7.44 33.16 1.26
C3G 3PE I . -8.93 33.03 1.54
C3H 3PE I . -9.77 34.08 0.81
C3I 3PE I . -9.39 35.51 1.19
O21 3PE I . 3.56 34.58 8.93
O22 3PE I . 2.32 35.61 10.45
C21 3PE I . 2.78 34.59 9.99
C22 3PE I . 2.56 33.21 10.54
C23 3PE I . 1.80 33.19 11.85
C24 3PE I . 0.72 32.12 11.85
C25 3PE I . 1.27 30.70 11.82
C26 3PE I . 0.21 29.65 12.15
C27 3PE I . -0.95 29.62 11.18
C28 3PE I . -1.92 28.46 11.44
C29 3PE I . -3.30 28.68 10.87
C2A 3PE I . -3.39 28.43 9.37
C2B 3PE I . -3.44 26.96 9.00
C2C 3PE I . -4.06 26.70 7.62
C2D 3PE I . -5.52 27.11 7.53
C2E 3PE I . -6.04 27.18 6.09
C2F 3PE I . -7.37 27.89 5.96
C2G 3PE I . -7.64 28.42 4.56
C2H 3PE I . -9.08 28.88 4.35
C2I 3PE I . -9.37 29.26 2.90
P 3PE J . -4.51 -8.13 -22.99
N 3PE J . -3.38 -11.21 -23.45
O11 3PE J . -3.55 -6.91 -22.44
O12 3PE J . -3.77 -8.72 -24.14
O13 3PE J . -4.47 -9.18 -21.71
O14 3PE J . -5.93 -7.67 -23.06
C11 3PE J . -3.27 -9.85 -21.39
C12 3PE J . -3.33 -11.25 -21.97
C1 3PE J . -2.67 -6.29 -23.34
C2 3PE J . -1.81 -5.28 -22.57
C3 3PE J . -0.76 -5.98 -21.72
O31 3PE J . -0.59 -7.30 -22.22
O32 3PE J . -0.53 -8.42 -20.30
C31 3PE J . -0.09 -8.22 -21.41
C32 3PE J . 1.05 -8.97 -22.05
C33 3PE J . 2.15 -8.07 -22.57
C34 3PE J . 2.71 -7.15 -21.49
C35 3PE J . 3.54 -7.89 -20.44
C36 3PE J . 4.34 -6.94 -19.56
C37 3PE J . 5.35 -6.09 -20.32
C38 3PE J . 4.98 -4.62 -20.34
C39 3PE J . 5.61 -3.84 -21.50
C3A 3PE J . 4.74 -2.66 -21.93
C3B 3PE J . 5.47 -1.61 -22.76
C3C 3PE J . 4.74 -0.29 -22.78
C3D 3PE J . 5.44 0.81 -23.57
C3E 3PE J . 4.77 2.17 -23.41
C3F 3PE J . 3.25 2.12 -23.55
C3G 3PE J . 2.62 3.50 -23.66
C3H 3PE J . 3.02 4.26 -24.91
C3I 3PE J . 2.67 3.52 -26.20
O21 3PE J . -1.07 -4.42 -23.44
O22 3PE J . -2.12 -2.50 -23.85
C21 3PE J . -1.19 -3.11 -23.35
C22 3PE J . -0.05 -2.49 -22.60
C23 3PE J . -0.26 -1.02 -22.26
C24 3PE J . 0.09 -0.13 -23.44
C25 3PE J . -0.49 1.28 -23.32
C26 3PE J . -0.44 1.81 -21.89
C27 3PE J . -0.89 3.27 -21.76
C28 3PE J . -1.10 3.69 -20.32
C29 3PE J . -0.04 3.17 -19.36
C2A 3PE J . 0.49 4.22 -18.39
C2B 3PE J . 1.42 5.24 -19.02
C2C 3PE J . 2.60 4.60 -19.76
C2D 3PE J . 3.48 3.74 -18.88
C2E 3PE J . 4.51 2.94 -19.66
C2F 3PE J . 5.66 3.78 -20.19
C2G 3PE J . 6.57 4.29 -19.08
C2H 3PE J . 7.11 3.16 -18.18
C2I 3PE J . 7.46 3.64 -16.79
#